data_4JPO
#
_entry.id   4JPO
#
_cell.length_a   185.299
_cell.length_b   185.299
_cell.length_c   357.382
_cell.angle_alpha   90.000
_cell.angle_beta   90.000
_cell.angle_gamma   120.000
#
_symmetry.space_group_name_H-M   'P 65 2 2'
#
loop_
_entity.id
_entity.type
_entity.pdbx_description
1 polymer 'DNA mismatch repair protein HSM3'
2 polymer '26S protease regulatory subunit 7 homolog'
#
loop_
_entity_poly.entity_id
_entity_poly.type
_entity_poly.pdbx_seq_one_letter_code
_entity_poly.pdbx_strand_id
1 'polypeptide(L)'
;GPLTRRASVGSMSEKETNYVENLLTQLENELNEDNLPEDINTLLRKCSLNLVTVVSLPDMDVKPLLATIKRFLTSNVSYD
SLNYDYLLDVVDKLVPMADFDDVLEVYSAEDLVKALRSEIDPLKVAACRVIENSQPKGLFATSNIIDILLDILFDEKVEN
DKLITAIEKALERLSTDELIRRRLFDNNLPYLVSVKGRMETVSFVRLIDFLTIEFQFISGPEFKDIIFCFTKEEILKSVE
DILVFIELVNYYTKFLLEIRNQDKYWALRHVKKILPVFAQLFEDTENYPDVRAFSTNCLLQLFAEVSRIEEDEYSLFKTM
DKDSLKIGSEAKLITEWLELINPQYLVKYHKDVVENYFHVSGYSIGMLRNLSADEECFNAIRNKFSAEIVLRLPYLEQMQ
VVETLTRYEYTSKFLLNEMPKVMGSLIGDGSAGAIIDLETVHYRNSALRNLLDKGEEKLSVWYEPLLREYSKAVNGKNYS
TGSETKIADCR
;
A,B
2 'polypeptide(L)'
;MHHHHHHSQHMLPDLEGRANIFRIHSKSMSVERGIRWELISRLCPNSTGAELRSVCTEAGMFAIRARRKVATEKDFLKAV
DKVISGYKKFSSTSRYMQYN
;
C,D
#
# COMPACT_ATOMS: atom_id res chain seq x y z
N TYR A 19 -23.95 -13.30 4.03
CA TYR A 19 -23.60 -12.26 3.06
C TYR A 19 -23.10 -10.97 3.76
N VAL A 20 -23.93 -10.38 4.66
CA VAL A 20 -23.60 -9.14 5.38
C VAL A 20 -23.32 -9.52 6.89
N GLU A 21 -23.97 -8.86 7.89
CA GLU A 21 -23.82 -9.13 9.33
C GLU A 21 -24.71 -10.31 9.77
N ASN A 22 -25.46 -10.91 8.79
CA ASN A 22 -26.37 -12.05 8.94
C ASN A 22 -25.64 -13.35 9.33
N LEU A 23 -24.32 -13.40 9.13
CA LEU A 23 -23.44 -14.54 9.46
C LEU A 23 -22.95 -14.42 10.90
N LEU A 24 -22.77 -13.18 11.40
CA LEU A 24 -22.31 -12.86 12.76
C LEU A 24 -23.47 -12.77 13.76
N THR A 25 -24.70 -12.49 13.26
CA THR A 25 -25.92 -12.44 14.06
C THR A 25 -26.59 -13.85 14.05
N GLN A 26 -25.96 -14.80 13.32
CA GLN A 26 -26.32 -16.23 13.22
C GLN A 26 -25.59 -16.97 14.35
N LEU A 27 -24.30 -16.61 14.57
CA LEU A 27 -23.40 -17.07 15.64
C LEU A 27 -23.94 -16.59 17.00
N GLU A 28 -24.53 -15.37 17.00
CA GLU A 28 -25.14 -14.65 18.12
C GLU A 28 -26.14 -15.52 18.93
N ASN A 29 -27.09 -16.17 18.24
CA ASN A 29 -28.17 -17.01 18.80
C ASN A 29 -27.67 -18.38 19.28
N GLU A 30 -26.56 -18.87 18.73
CA GLU A 30 -25.91 -20.16 19.06
C GLU A 30 -25.05 -20.03 20.32
N LEU A 31 -24.59 -18.78 20.61
CA LEU A 31 -23.83 -18.39 21.81
C LEU A 31 -24.82 -18.18 22.98
N ASN A 32 -26.02 -17.61 22.67
CA ASN A 32 -27.14 -17.34 23.60
C ASN A 32 -27.74 -18.65 24.14
N GLU A 33 -27.58 -19.76 23.38
CA GLU A 33 -28.03 -21.11 23.71
C GLU A 33 -27.28 -21.64 24.92
N ASP A 34 -28.04 -22.20 25.89
CA ASP A 34 -27.57 -22.77 27.16
C ASP A 34 -26.62 -23.93 26.86
N ASN A 35 -27.08 -24.89 26.02
CA ASN A 35 -26.27 -26.00 25.51
C ASN A 35 -25.96 -25.67 24.05
N LEU A 36 -24.83 -24.96 23.84
CA LEU A 36 -24.30 -24.49 22.55
C LEU A 36 -24.30 -25.61 21.49
N PRO A 37 -24.68 -25.32 20.20
CA PRO A 37 -24.65 -26.40 19.18
C PRO A 37 -23.20 -26.82 18.94
N GLU A 38 -22.88 -28.07 19.28
CA GLU A 38 -21.57 -28.72 19.23
C GLU A 38 -20.80 -28.43 17.91
N ASP A 39 -21.52 -28.04 16.85
CA ASP A 39 -20.99 -27.61 15.57
C ASP A 39 -20.71 -26.08 15.63
N ILE A 40 -20.22 -25.61 16.80
CA ILE A 40 -19.90 -24.22 17.13
C ILE A 40 -18.46 -23.90 16.68
N ASN A 41 -17.66 -24.95 16.40
CA ASN A 41 -16.30 -24.79 15.93
C ASN A 41 -16.27 -24.47 14.43
N THR A 42 -17.04 -25.23 13.60
CA THR A 42 -17.12 -25.05 12.13
C THR A 42 -17.80 -23.72 11.77
N LEU A 43 -18.78 -23.29 12.59
CA LEU A 43 -19.50 -22.04 12.43
C LEU A 43 -18.54 -20.86 12.67
N LEU A 44 -17.67 -20.99 13.71
CA LEU A 44 -16.63 -20.00 14.07
C LEU A 44 -15.53 -19.97 13.00
N ARG A 45 -15.37 -21.09 12.25
CA ARG A 45 -14.39 -21.27 11.19
C ARG A 45 -14.82 -20.51 9.91
N LYS A 46 -15.99 -19.84 9.95
CA LYS A 46 -16.51 -19.06 8.84
C LYS A 46 -16.64 -17.59 9.24
N CYS A 47 -17.24 -17.30 10.43
CA CYS A 47 -17.46 -15.95 10.98
C CYS A 47 -16.16 -15.15 11.05
N SER A 48 -15.05 -15.79 11.47
CA SER A 48 -13.73 -15.19 11.63
C SER A 48 -13.04 -14.89 10.29
N LEU A 49 -13.16 -15.79 9.30
CA LEU A 49 -12.53 -15.66 7.98
C LEU A 49 -13.31 -14.71 7.05
N ASN A 50 -14.62 -14.53 7.29
CA ASN A 50 -15.48 -13.66 6.51
C ASN A 50 -15.37 -12.19 6.97
N LEU A 51 -14.95 -11.97 8.23
CA LEU A 51 -14.75 -10.64 8.81
C LEU A 51 -13.51 -9.95 8.22
N VAL A 52 -12.58 -10.75 7.66
CA VAL A 52 -11.32 -10.35 7.01
C VAL A 52 -11.61 -9.39 5.84
N THR A 53 -12.77 -9.56 5.18
CA THR A 53 -13.28 -8.76 4.06
C THR A 53 -13.40 -7.26 4.44
N VAL A 54 -13.75 -6.97 5.71
CA VAL A 54 -13.89 -5.61 6.25
C VAL A 54 -13.01 -5.46 7.48
N ASP A 61 -27.81 -2.60 14.70
CA ASP A 61 -27.24 -3.12 15.95
C ASP A 61 -25.71 -3.02 15.92
N VAL A 62 -25.15 -2.36 16.95
CA VAL A 62 -23.71 -2.13 17.11
C VAL A 62 -23.18 -2.92 18.32
N LYS A 63 -24.04 -3.18 19.30
CA LYS A 63 -23.64 -3.93 20.49
C LYS A 63 -24.31 -5.30 20.68
N PRO A 64 -24.58 -6.03 19.60
CA PRO A 64 -25.03 -7.42 19.75
C PRO A 64 -23.93 -8.38 20.26
N LEU A 65 -23.06 -8.75 19.34
CA LEU A 65 -21.96 -9.73 19.49
C LEU A 65 -20.80 -9.21 20.38
N LEU A 66 -20.97 -8.05 21.05
CA LEU A 66 -19.96 -7.53 21.98
C LEU A 66 -20.22 -8.12 23.37
N ALA A 67 -21.50 -8.06 23.83
CA ALA A 67 -21.97 -8.59 25.11
C ALA A 67 -22.19 -10.11 25.06
N THR A 68 -22.48 -10.65 23.86
CA THR A 68 -22.74 -12.07 23.58
C THR A 68 -21.45 -12.89 23.69
N ILE A 69 -20.31 -12.34 23.22
CA ILE A 69 -19.00 -12.99 23.29
C ILE A 69 -18.47 -12.80 24.73
N LYS A 70 -18.76 -11.63 25.36
CA LYS A 70 -18.37 -11.25 26.72
C LYS A 70 -18.74 -12.32 27.78
N ARG A 71 -19.83 -13.07 27.57
CA ARG A 71 -20.31 -14.12 28.48
C ARG A 71 -19.44 -15.39 28.48
N PHE A 72 -18.62 -15.57 27.43
CA PHE A 72 -17.72 -16.72 27.25
C PHE A 72 -16.35 -16.42 27.80
N LEU A 73 -15.92 -15.17 27.64
CA LEU A 73 -14.64 -14.65 28.13
C LEU A 73 -14.69 -14.59 29.68
N THR A 74 -15.80 -14.05 30.25
CA THR A 74 -16.05 -13.95 31.69
C THR A 74 -16.41 -15.35 32.29
N SER A 75 -16.76 -16.32 31.42
CA SER A 75 -17.10 -17.70 31.81
C SER A 75 -15.85 -18.46 32.25
N ASN A 76 -15.83 -18.87 33.53
CA ASN A 76 -14.75 -19.60 34.20
C ASN A 76 -14.60 -21.05 33.69
N VAL A 77 -15.68 -21.64 33.11
CA VAL A 77 -15.65 -23.01 32.59
C VAL A 77 -14.86 -23.04 31.26
N SER A 78 -14.13 -24.16 31.01
CA SER A 78 -13.31 -24.36 29.82
C SER A 78 -14.18 -24.80 28.63
N TYR A 79 -13.96 -24.17 27.45
CA TYR A 79 -14.71 -24.45 26.23
C TYR A 79 -13.82 -25.16 25.19
N ASP A 80 -14.01 -26.49 25.12
CA ASP A 80 -13.30 -27.43 24.24
C ASP A 80 -13.94 -27.43 22.85
N SER A 81 -15.28 -27.29 22.79
CA SER A 81 -16.10 -27.21 21.57
C SER A 81 -16.01 -25.80 20.96
N LEU A 82 -15.92 -24.76 21.81
CA LEU A 82 -15.81 -23.35 21.41
C LEU A 82 -14.33 -22.92 21.48
N ASN A 83 -13.60 -23.05 20.35
CA ASN A 83 -12.20 -22.65 20.28
C ASN A 83 -12.15 -21.14 20.15
N TYR A 84 -11.65 -20.48 21.20
CA TYR A 84 -11.53 -19.03 21.36
C TYR A 84 -10.68 -18.38 20.27
N ASP A 85 -9.72 -19.14 19.67
CA ASP A 85 -8.81 -18.72 18.60
C ASP A 85 -9.55 -17.87 17.57
N TYR A 86 -10.77 -18.31 17.22
CA TYR A 86 -11.66 -17.70 16.25
C TYR A 86 -12.58 -16.68 16.93
N LEU A 87 -13.11 -16.99 18.14
CA LEU A 87 -14.02 -16.15 18.92
C LEU A 87 -13.36 -14.79 19.25
N LEU A 88 -12.05 -14.82 19.55
CA LEU A 88 -11.25 -13.64 19.86
C LEU A 88 -10.87 -12.87 18.60
N ASP A 89 -10.81 -13.56 17.45
CA ASP A 89 -10.53 -12.92 16.16
C ASP A 89 -11.74 -12.08 15.77
N VAL A 90 -12.96 -12.59 16.06
CA VAL A 90 -14.22 -11.91 15.79
C VAL A 90 -14.23 -10.57 16.57
N VAL A 91 -13.71 -10.58 17.82
CA VAL A 91 -13.58 -9.39 18.68
C VAL A 91 -12.47 -8.47 18.15
N ASP A 92 -11.29 -9.03 17.80
CA ASP A 92 -10.12 -8.32 17.25
C ASP A 92 -10.48 -7.51 15.99
N LYS A 93 -11.54 -7.94 15.26
CA LYS A 93 -12.06 -7.28 14.06
C LYS A 93 -13.22 -6.35 14.44
N LEU A 94 -14.30 -6.88 15.07
CA LEU A 94 -15.49 -6.14 15.46
C LEU A 94 -15.19 -4.88 16.29
N VAL A 95 -14.45 -5.02 17.42
CA VAL A 95 -14.12 -3.93 18.36
C VAL A 95 -13.48 -2.72 17.61
N PRO A 96 -12.34 -2.83 16.88
CA PRO A 96 -11.78 -1.62 16.21
C PRO A 96 -12.72 -1.03 15.15
N MET A 97 -13.49 -1.89 14.44
CA MET A 97 -14.42 -1.52 13.36
C MET A 97 -15.65 -0.75 13.88
N ALA A 98 -16.48 -1.40 14.75
CA ALA A 98 -17.71 -0.82 15.33
C ALA A 98 -17.43 0.44 16.17
N ASP A 99 -18.44 1.33 16.31
CA ASP A 99 -18.39 2.59 17.05
C ASP A 99 -17.94 2.33 18.51
N PHE A 100 -16.91 3.09 19.00
CA PHE A 100 -16.28 2.88 20.31
C PHE A 100 -17.16 3.32 21.50
N ASP A 101 -18.15 4.18 21.26
CA ASP A 101 -19.08 4.65 22.29
C ASP A 101 -20.05 3.52 22.67
N ASP A 102 -20.29 2.58 21.72
CA ASP A 102 -21.11 1.38 21.85
C ASP A 102 -20.29 0.27 22.55
N VAL A 103 -18.99 0.13 22.15
CA VAL A 103 -18.02 -0.84 22.70
C VAL A 103 -17.71 -0.45 24.17
N LEU A 104 -17.70 0.88 24.47
CA LEU A 104 -17.46 1.43 25.81
C LEU A 104 -18.66 1.16 26.75
N GLU A 105 -19.85 0.90 26.18
CA GLU A 105 -21.07 0.58 26.94
C GLU A 105 -21.00 -0.87 27.45
N VAL A 106 -20.51 -1.81 26.60
CA VAL A 106 -20.35 -3.23 26.92
C VAL A 106 -19.08 -3.40 27.80
N TYR A 107 -17.94 -2.82 27.33
CA TYR A 107 -16.65 -2.87 28.02
C TYR A 107 -16.22 -1.45 28.45
N SER A 108 -16.60 -1.04 29.68
CA SER A 108 -16.24 0.27 30.25
C SER A 108 -14.93 0.18 31.06
N ALA A 109 -14.50 1.30 31.70
CA ALA A 109 -13.27 1.37 32.52
C ALA A 109 -13.34 0.40 33.71
N GLU A 110 -14.55 0.21 34.28
CA GLU A 110 -14.83 -0.70 35.39
C GLU A 110 -14.76 -2.16 34.93
N ASP A 111 -15.29 -2.45 33.72
CA ASP A 111 -15.31 -3.78 33.10
C ASP A 111 -13.90 -4.30 32.84
N LEU A 112 -12.98 -3.40 32.40
CA LEU A 112 -11.58 -3.71 32.06
C LEU A 112 -10.71 -4.04 33.29
N VAL A 113 -10.86 -3.30 34.42
CA VAL A 113 -10.09 -3.51 35.65
C VAL A 113 -10.37 -4.94 36.19
N LYS A 114 -11.63 -5.41 36.08
CA LYS A 114 -12.05 -6.74 36.50
C LYS A 114 -11.54 -7.81 35.51
N ALA A 115 -11.54 -7.49 34.20
CA ALA A 115 -11.12 -8.37 33.11
C ALA A 115 -9.60 -8.62 33.09
N LEU A 116 -8.78 -7.55 33.22
CA LEU A 116 -7.31 -7.62 33.19
C LEU A 116 -6.75 -8.32 34.43
N ARG A 117 -7.33 -8.06 35.63
CA ARG A 117 -6.88 -8.64 36.89
C ARG A 117 -7.38 -10.08 37.08
N SER A 118 -8.36 -10.55 36.26
CA SER A 118 -8.89 -11.91 36.29
C SER A 118 -7.85 -12.90 35.76
N GLU A 119 -7.97 -14.19 36.13
CA GLU A 119 -7.03 -15.23 35.69
C GLU A 119 -7.62 -16.09 34.54
N ILE A 120 -8.52 -15.46 33.74
CA ILE A 120 -9.15 -16.02 32.54
C ILE A 120 -8.50 -15.25 31.36
N ASP A 121 -7.56 -15.92 30.68
CA ASP A 121 -6.73 -15.42 29.58
C ASP A 121 -7.52 -14.94 28.32
N PRO A 122 -8.59 -15.59 27.79
CA PRO A 122 -9.28 -15.02 26.61
C PRO A 122 -9.91 -13.68 26.91
N LEU A 123 -10.44 -13.51 28.15
CA LEU A 123 -11.06 -12.29 28.66
C LEU A 123 -10.03 -11.16 28.72
N LYS A 124 -8.80 -11.49 29.18
CA LYS A 124 -7.66 -10.56 29.28
C LYS A 124 -7.26 -10.04 27.89
N VAL A 125 -7.19 -10.94 26.88
CA VAL A 125 -6.84 -10.63 25.48
C VAL A 125 -7.92 -9.72 24.86
N ALA A 126 -9.20 -10.07 25.07
CA ALA A 126 -10.35 -9.30 24.59
C ALA A 126 -10.42 -7.92 25.23
N ALA A 127 -9.94 -7.80 26.49
CA ALA A 127 -9.89 -6.53 27.22
C ALA A 127 -8.85 -5.61 26.58
N CYS A 128 -7.72 -6.19 26.12
CA CYS A 128 -6.64 -5.48 25.44
C CYS A 128 -7.13 -4.88 24.13
N ARG A 129 -8.09 -5.56 23.47
CA ARG A 129 -8.70 -5.14 22.21
C ARG A 129 -9.52 -3.86 22.39
N VAL A 130 -10.07 -3.65 23.60
CA VAL A 130 -10.86 -2.47 23.95
C VAL A 130 -9.89 -1.32 24.25
N ILE A 131 -8.82 -1.58 25.05
CA ILE A 131 -7.78 -0.60 25.40
C ILE A 131 -6.98 -0.23 24.14
N GLU A 132 -6.84 -1.18 23.19
CA GLU A 132 -6.15 -1.08 21.90
C GLU A 132 -6.48 0.25 21.19
N ASN A 133 -7.74 0.40 20.76
CA ASN A 133 -8.26 1.56 20.04
C ASN A 133 -9.15 2.42 20.95
N SER A 134 -8.57 3.03 22.01
CA SER A 134 -9.30 3.91 22.93
C SER A 134 -9.64 5.21 22.22
N GLN A 135 -10.86 5.72 22.40
CA GLN A 135 -11.25 6.97 21.74
C GLN A 135 -11.78 7.99 22.76
N PRO A 136 -11.01 9.10 23.04
CA PRO A 136 -9.70 9.46 22.46
C PRO A 136 -8.59 8.53 22.96
N LYS A 137 -7.40 8.59 22.32
CA LYS A 137 -6.26 7.72 22.67
C LYS A 137 -5.82 7.86 24.16
N GLY A 138 -6.17 8.97 24.81
CA GLY A 138 -5.89 9.23 26.22
C GLY A 138 -7.15 9.20 27.07
N LEU A 139 -7.93 8.11 26.95
CA LEU A 139 -9.19 7.89 27.64
C LEU A 139 -8.99 7.20 28.99
N PHE A 140 -8.21 6.11 29.00
CA PHE A 140 -7.93 5.33 30.22
C PHE A 140 -6.63 5.79 30.91
N ALA A 141 -6.26 7.08 30.75
CA ALA A 141 -5.09 7.69 31.38
C ALA A 141 -5.44 8.21 32.79
N THR A 142 -6.76 8.43 33.01
CA THR A 142 -7.36 8.84 34.29
C THR A 142 -7.36 7.61 35.23
N SER A 143 -7.79 6.45 34.70
CA SER A 143 -7.83 5.15 35.37
C SER A 143 -6.44 4.50 35.36
N ASN A 144 -6.16 3.60 36.30
CA ASN A 144 -4.86 2.94 36.35
C ASN A 144 -4.88 1.60 35.55
N ILE A 145 -5.59 1.60 34.40
CA ILE A 145 -5.68 0.44 33.50
C ILE A 145 -4.29 0.23 32.84
N ILE A 146 -3.57 1.34 32.56
CA ILE A 146 -2.22 1.38 31.98
C ILE A 146 -1.22 0.66 32.94
N ASP A 147 -1.41 0.86 34.26
CA ASP A 147 -0.61 0.26 35.33
C ASP A 147 -0.79 -1.25 35.37
N ILE A 148 -2.06 -1.72 35.31
CA ILE A 148 -2.42 -3.15 35.32
C ILE A 148 -1.78 -3.85 34.12
N LEU A 149 -1.92 -3.25 32.91
CA LEU A 149 -1.38 -3.75 31.65
C LEU A 149 0.13 -4.05 31.74
N LEU A 150 0.89 -3.18 32.42
CA LEU A 150 2.34 -3.35 32.60
C LEU A 150 2.65 -4.52 33.54
N ASP A 151 1.88 -4.66 34.63
CA ASP A 151 2.05 -5.73 35.64
C ASP A 151 1.79 -7.13 35.06
N ILE A 152 1.14 -7.24 33.88
CA ILE A 152 0.90 -8.51 33.20
C ILE A 152 2.06 -8.75 32.23
N LEU A 153 2.49 -7.67 31.53
CA LEU A 153 3.55 -7.68 30.52
C LEU A 153 4.93 -7.96 31.14
N PHE A 154 5.34 -7.18 32.15
CA PHE A 154 6.65 -7.33 32.81
C PHE A 154 6.59 -8.39 33.92
N ASP A 155 5.78 -9.43 33.68
CA ASP A 155 5.58 -10.56 34.57
C ASP A 155 6.02 -11.83 33.85
N GLU A 156 7.22 -12.31 34.19
CA GLU A 156 7.88 -13.51 33.63
C GLU A 156 7.05 -14.78 33.78
N LYS A 157 6.09 -14.79 34.74
CA LYS A 157 5.18 -15.90 35.00
C LYS A 157 4.23 -16.06 33.80
N VAL A 158 3.76 -14.92 33.23
CA VAL A 158 2.86 -14.89 32.07
C VAL A 158 3.71 -15.25 30.84
N GLU A 159 3.32 -16.33 30.12
CA GLU A 159 4.03 -16.81 28.93
C GLU A 159 3.10 -16.89 27.71
N ASN A 160 1.80 -16.52 27.88
CA ASN A 160 0.81 -16.51 26.81
C ASN A 160 1.17 -15.42 25.78
N ASP A 161 1.87 -15.84 24.72
CA ASP A 161 2.36 -15.01 23.61
C ASP A 161 1.24 -14.14 23.01
N LYS A 162 0.05 -14.73 22.79
CA LYS A 162 -1.13 -14.06 22.23
C LYS A 162 -1.53 -12.86 23.08
N LEU A 163 -1.47 -13.03 24.41
CA LEU A 163 -1.82 -12.02 25.40
C LEU A 163 -0.74 -10.92 25.45
N ILE A 164 0.55 -11.30 25.47
CA ILE A 164 1.69 -10.38 25.52
C ILE A 164 1.67 -9.47 24.27
N THR A 165 1.37 -10.06 23.09
CA THR A 165 1.27 -9.36 21.81
C THR A 165 0.12 -8.34 21.88
N ALA A 166 -1.01 -8.73 22.49
CA ALA A 166 -2.21 -7.90 22.65
C ALA A 166 -1.98 -6.69 23.58
N ILE A 167 -1.13 -6.85 24.62
CA ILE A 167 -0.78 -5.78 25.57
C ILE A 167 0.14 -4.78 24.85
N GLU A 168 1.10 -5.30 24.06
CA GLU A 168 2.05 -4.49 23.28
C GLU A 168 1.33 -3.67 22.19
N LYS A 169 0.39 -4.32 21.44
CA LYS A 169 -0.40 -3.72 20.36
C LYS A 169 -1.21 -2.52 20.87
N ALA A 170 -1.77 -2.65 22.08
CA ALA A 170 -2.54 -1.62 22.75
C ALA A 170 -1.63 -0.48 23.21
N LEU A 171 -0.48 -0.82 23.82
CA LEU A 171 0.54 0.11 24.34
C LEU A 171 1.08 1.00 23.24
N GLU A 172 1.53 0.39 22.13
CA GLU A 172 2.08 1.05 20.94
C GLU A 172 1.07 2.05 20.33
N ARG A 173 -0.23 1.68 20.35
CA ARG A 173 -1.33 2.47 19.82
C ARG A 173 -1.68 3.65 20.75
N LEU A 174 -1.75 3.42 22.08
CA LEU A 174 -2.10 4.47 23.03
C LEU A 174 -0.90 5.39 23.33
N SER A 175 0.35 4.93 23.07
CA SER A 175 1.58 5.72 23.28
C SER A 175 1.63 6.98 22.39
N THR A 176 0.73 7.09 21.39
CA THR A 176 0.58 8.22 20.47
C THR A 176 0.04 9.46 21.20
N ASP A 177 -0.66 9.24 22.33
CA ASP A 177 -1.29 10.26 23.18
C ASP A 177 -0.33 10.77 24.28
N GLU A 178 -0.54 12.03 24.69
CA GLU A 178 0.22 12.75 25.72
C GLU A 178 -0.09 12.20 27.12
N LEU A 179 -1.39 12.02 27.44
CA LEU A 179 -1.91 11.53 28.72
C LEU A 179 -1.40 10.11 29.08
N ILE A 180 -1.18 9.27 28.06
CA ILE A 180 -0.72 7.88 28.20
C ILE A 180 0.79 7.84 28.49
N ARG A 181 1.61 8.62 27.73
CA ARG A 181 3.08 8.68 27.88
C ARG A 181 3.51 9.16 29.28
N ARG A 182 2.74 10.10 29.87
CA ARG A 182 3.01 10.64 31.20
C ARG A 182 2.66 9.62 32.28
N ARG A 183 1.51 8.91 32.15
CA ARG A 183 1.04 7.87 33.06
C ARG A 183 2.02 6.67 33.05
N LEU A 184 2.58 6.37 31.86
CA LEU A 184 3.56 5.32 31.65
C LEU A 184 4.90 5.68 32.25
N PHE A 185 5.22 6.99 32.29
CA PHE A 185 6.50 7.50 32.79
C PHE A 185 6.33 8.42 34.03
N ASP A 186 5.59 7.93 35.05
CA ASP A 186 5.34 8.61 36.32
C ASP A 186 4.80 7.61 37.35
N ASN A 187 3.62 7.01 37.08
CA ASN A 187 2.95 6.02 37.95
C ASN A 187 3.64 4.67 37.89
N ASN A 188 4.04 4.23 36.68
CA ASN A 188 4.73 2.97 36.45
C ASN A 188 6.25 3.16 36.40
N LEU A 189 6.72 4.44 36.41
CA LEU A 189 8.13 4.85 36.39
C LEU A 189 8.99 4.01 37.36
N PRO A 190 8.60 3.79 38.64
CA PRO A 190 9.43 2.94 39.52
C PRO A 190 9.37 1.48 39.10
N TYR A 191 8.16 0.96 38.81
CA TYR A 191 7.93 -0.41 38.38
C TYR A 191 8.69 -0.74 37.09
N LEU A 192 8.94 0.28 36.25
CA LEU A 192 9.68 0.12 35.01
C LEU A 192 11.19 -0.03 35.30
N VAL A 193 11.76 0.91 36.08
CA VAL A 193 13.19 0.93 36.44
C VAL A 193 13.53 -0.30 37.32
N SER A 194 12.56 -0.82 38.10
CA SER A 194 12.74 -1.99 38.96
C SER A 194 13.13 -3.21 38.13
N VAL A 195 12.37 -3.48 37.06
CA VAL A 195 12.58 -4.58 36.12
C VAL A 195 13.96 -4.42 35.45
N LYS A 196 14.33 -3.15 35.13
CA LYS A 196 15.58 -2.73 34.49
C LYS A 196 16.80 -3.11 35.34
N GLY A 197 16.72 -2.85 36.65
CA GLY A 197 17.78 -3.17 37.59
C GLY A 197 17.84 -4.64 37.93
N ARG A 198 16.65 -5.30 37.94
CA ARG A 198 16.46 -6.73 38.21
C ARG A 198 17.17 -7.57 37.16
N MET A 199 16.98 -7.23 35.87
CA MET A 199 17.57 -7.88 34.69
C MET A 199 17.18 -9.37 34.63
N GLU A 200 15.89 -9.62 34.47
CA GLU A 200 15.33 -10.95 34.31
C GLU A 200 14.98 -11.11 32.83
N THR A 201 15.65 -12.08 32.18
CA THR A 201 15.56 -12.40 30.75
C THR A 201 14.18 -12.14 30.13
N VAL A 202 13.12 -12.84 30.57
CA VAL A 202 11.76 -12.72 30.03
C VAL A 202 11.25 -11.27 30.14
N SER A 203 11.46 -10.63 31.29
CA SER A 203 10.98 -9.27 31.55
C SER A 203 11.83 -8.18 30.90
N PHE A 204 13.16 -8.22 31.11
CA PHE A 204 14.10 -7.21 30.62
C PHE A 204 14.07 -7.07 29.10
N VAL A 205 14.00 -8.19 28.36
CA VAL A 205 13.94 -8.16 26.89
C VAL A 205 12.57 -7.52 26.51
N ARG A 206 11.52 -7.74 27.33
CA ARG A 206 10.19 -7.16 27.12
C ARG A 206 10.23 -5.64 27.36
N LEU A 207 11.20 -5.17 28.17
CA LEU A 207 11.40 -3.75 28.46
C LEU A 207 12.10 -3.06 27.29
N ILE A 208 13.01 -3.78 26.60
CA ILE A 208 13.79 -3.29 25.45
C ILE A 208 12.84 -2.91 24.29
N ASP A 209 11.94 -3.85 23.90
CA ASP A 209 10.97 -3.64 22.82
C ASP A 209 9.93 -2.60 23.20
N PHE A 210 9.63 -2.45 24.51
CA PHE A 210 8.69 -1.45 25.03
C PHE A 210 9.28 -0.05 24.89
N LEU A 211 10.48 0.19 25.45
CA LEU A 211 11.20 1.47 25.45
C LEU A 211 11.53 2.00 24.05
N THR A 212 11.80 1.09 23.09
CA THR A 212 12.09 1.43 21.69
C THR A 212 10.84 2.06 21.07
N ILE A 213 9.68 1.40 21.26
CA ILE A 213 8.37 1.84 20.80
C ILE A 213 8.03 3.20 21.45
N GLU A 214 8.29 3.32 22.75
CA GLU A 214 8.04 4.54 23.54
C GLU A 214 8.87 5.73 23.07
N PHE A 215 10.16 5.51 22.70
CA PHE A 215 11.06 6.59 22.27
C PHE A 215 10.59 7.28 20.98
N GLN A 216 9.82 6.58 20.12
CA GLN A 216 9.26 7.12 18.88
C GLN A 216 8.30 8.30 19.11
N PHE A 217 7.69 8.39 20.31
CA PHE A 217 6.71 9.41 20.68
C PHE A 217 7.19 10.33 21.84
N ILE A 218 8.12 9.83 22.69
CA ILE A 218 8.66 10.55 23.86
C ILE A 218 9.41 11.80 23.43
N SER A 219 8.99 12.94 23.98
CA SER A 219 9.56 14.26 23.73
C SER A 219 10.82 14.49 24.59
N GLY A 220 11.49 15.62 24.35
CA GLY A 220 12.71 16.06 25.05
C GLY A 220 12.66 16.03 26.56
N PRO A 221 11.64 16.62 27.23
CA PRO A 221 11.61 16.59 28.70
C PRO A 221 11.18 15.22 29.27
N GLU A 222 10.18 14.57 28.63
CA GLU A 222 9.59 13.26 28.98
C GLU A 222 10.64 12.14 29.15
N PHE A 223 11.89 12.41 28.77
CA PHE A 223 13.02 11.51 28.87
C PHE A 223 13.46 11.36 30.33
N LYS A 224 13.45 10.11 30.81
CA LYS A 224 13.88 9.73 32.15
C LYS A 224 15.17 8.90 32.02
N ASP A 225 16.31 9.60 32.09
CA ASP A 225 17.70 9.14 31.94
C ASP A 225 17.96 7.71 32.36
N ILE A 226 17.41 7.30 33.51
CA ILE A 226 17.65 5.97 34.06
C ILE A 226 16.93 4.85 33.28
N ILE A 227 15.60 4.97 33.03
CA ILE A 227 14.83 3.94 32.35
C ILE A 227 15.27 3.76 30.86
N PHE A 228 15.65 4.86 30.18
CA PHE A 228 16.05 4.80 28.77
C PHE A 228 17.53 4.46 28.55
N CYS A 229 18.45 4.95 29.41
CA CYS A 229 19.88 4.69 29.23
C CYS A 229 20.40 3.66 30.20
N PHE A 230 21.21 2.74 29.68
CA PHE A 230 21.87 1.68 30.45
C PHE A 230 23.33 2.03 30.60
N THR A 231 23.82 1.93 31.84
CA THR A 231 25.20 2.24 32.22
C THR A 231 26.13 1.09 31.84
N LYS A 232 27.44 1.41 31.69
CA LYS A 232 28.54 0.49 31.33
C LYS A 232 28.42 -0.89 32.04
N GLU A 233 28.14 -0.85 33.34
CA GLU A 233 27.97 -1.99 34.25
C GLU A 233 26.81 -2.88 33.81
N GLU A 234 25.67 -2.26 33.46
CA GLU A 234 24.47 -2.97 33.02
C GLU A 234 24.73 -3.70 31.70
N ILE A 235 25.54 -3.09 30.80
CA ILE A 235 25.92 -3.69 29.52
C ILE A 235 26.90 -4.86 29.80
N LEU A 236 27.76 -4.71 30.83
CA LEU A 236 28.68 -5.76 31.25
C LEU A 236 27.93 -6.90 31.93
N LYS A 237 26.77 -6.57 32.55
CA LYS A 237 25.89 -7.52 33.24
C LYS A 237 25.07 -8.30 32.21
N SER A 238 24.73 -7.67 31.08
CA SER A 238 23.97 -8.32 30.02
C SER A 238 24.80 -9.38 29.29
N VAL A 239 26.15 -9.29 29.41
CA VAL A 239 27.13 -10.18 28.79
C VAL A 239 26.82 -11.64 29.19
N GLU A 240 26.46 -11.86 30.47
CA GLU A 240 26.10 -13.16 31.07
C GLU A 240 25.27 -14.03 30.12
N ASP A 241 24.03 -13.59 29.83
CA ASP A 241 23.12 -14.27 28.90
C ASP A 241 23.20 -13.50 27.59
N ILE A 242 24.01 -14.03 26.66
CA ILE A 242 24.30 -13.44 25.35
C ILE A 242 23.02 -12.98 24.60
N LEU A 243 21.88 -13.70 24.75
CA LEU A 243 20.59 -13.37 24.14
C LEU A 243 20.17 -11.93 24.46
N VAL A 244 20.32 -11.52 25.74
CA VAL A 244 19.99 -10.19 26.25
C VAL A 244 20.93 -9.15 25.63
N PHE A 245 22.24 -9.45 25.59
CA PHE A 245 23.27 -8.56 25.03
C PHE A 245 22.94 -8.18 23.60
N ILE A 246 22.53 -9.15 22.74
CA ILE A 246 22.19 -8.88 21.34
C ILE A 246 20.99 -7.91 21.25
N GLU A 247 19.90 -8.12 22.03
CA GLU A 247 18.75 -7.21 22.00
C GLU A 247 19.09 -5.84 22.63
N LEU A 248 20.03 -5.81 23.59
CA LEU A 248 20.50 -4.57 24.22
C LEU A 248 21.35 -3.78 23.20
N VAL A 249 22.18 -4.50 22.41
CA VAL A 249 23.00 -3.94 21.33
C VAL A 249 22.02 -3.41 20.28
N ASN A 250 20.97 -4.21 19.96
CA ASN A 250 19.91 -3.88 19.02
C ASN A 250 19.19 -2.61 19.47
N TYR A 251 18.86 -2.50 20.79
CA TYR A 251 18.17 -1.34 21.38
C TYR A 251 18.88 -0.03 21.03
N TYR A 252 20.22 0.00 21.15
CA TYR A 252 21.01 1.20 20.86
C TYR A 252 21.17 1.45 19.36
N THR A 253 21.16 0.39 18.53
CA THR A 253 21.23 0.51 17.06
C THR A 253 19.96 1.23 16.61
N LYS A 254 18.81 0.81 17.18
CA LYS A 254 17.47 1.37 16.97
C LYS A 254 17.41 2.83 17.40
N PHE A 255 18.07 3.15 18.53
CA PHE A 255 18.10 4.47 19.17
C PHE A 255 18.80 5.51 18.32
N LEU A 256 20.00 5.19 17.79
CA LEU A 256 20.80 6.11 16.97
C LEU A 256 20.12 6.40 15.64
N LEU A 257 19.25 5.48 15.16
CA LEU A 257 18.50 5.62 13.92
C LEU A 257 17.31 6.56 14.10
N GLU A 258 16.62 6.50 15.25
CA GLU A 258 15.48 7.38 15.56
C GLU A 258 15.97 8.79 15.92
N ILE A 259 17.29 8.94 16.11
CA ILE A 259 17.96 10.19 16.41
C ILE A 259 18.11 11.00 15.11
N ARG A 260 18.49 10.34 13.99
CA ARG A 260 18.70 10.98 12.68
C ARG A 260 17.42 11.07 11.83
N ASN A 261 16.43 10.18 12.07
CA ASN A 261 15.16 10.11 11.34
C ASN A 261 14.11 11.06 11.92
N GLN A 262 13.92 11.05 13.25
CA GLN A 262 12.99 11.94 13.92
C GLN A 262 13.66 13.27 14.26
N ASP A 263 15.00 13.32 14.08
CA ASP A 263 15.91 14.46 14.35
C ASP A 263 15.83 14.85 15.84
N LYS A 264 15.84 13.83 16.71
CA LYS A 264 15.83 13.94 18.16
C LYS A 264 17.28 13.90 18.66
N TYR A 265 18.06 14.97 18.32
CA TYR A 265 19.49 15.12 18.63
C TYR A 265 19.76 15.46 20.10
N TRP A 266 18.70 15.68 20.88
CA TRP A 266 18.78 15.93 22.32
C TRP A 266 19.08 14.61 23.05
N ALA A 267 18.69 13.46 22.43
CA ALA A 267 18.88 12.11 22.94
C ALA A 267 20.32 11.59 22.74
N LEU A 268 21.15 12.31 21.95
CA LEU A 268 22.55 11.96 21.65
C LEU A 268 23.43 12.05 22.90
N ARG A 269 23.32 13.16 23.66
CA ARG A 269 24.07 13.44 24.89
C ARG A 269 23.85 12.37 25.94
N HIS A 270 22.61 11.85 26.04
CA HIS A 270 22.18 10.84 26.99
C HIS A 270 22.87 9.49 26.81
N VAL A 271 23.09 9.05 25.55
CA VAL A 271 23.76 7.77 25.28
C VAL A 271 25.27 8.08 25.21
N LYS A 272 25.71 8.72 24.12
CA LYS A 272 27.06 9.18 23.81
C LYS A 272 28.21 8.30 24.37
N LYS A 273 28.60 8.52 25.65
CA LYS A 273 29.73 7.87 26.33
C LYS A 273 29.55 6.37 26.68
N ILE A 274 28.31 5.84 26.67
CA ILE A 274 28.11 4.42 26.99
C ILE A 274 28.29 3.52 25.74
N LEU A 275 28.38 4.14 24.53
CA LEU A 275 28.59 3.43 23.27
C LEU A 275 30.01 2.81 23.18
N PRO A 276 31.13 3.55 23.49
CA PRO A 276 32.48 2.93 23.40
C PRO A 276 32.65 1.63 24.19
N VAL A 277 31.74 1.33 25.11
CA VAL A 277 31.75 0.11 25.91
C VAL A 277 31.54 -1.09 24.97
N PHE A 278 30.66 -0.93 23.96
CA PHE A 278 30.39 -1.95 22.95
C PHE A 278 31.62 -2.15 22.06
N ALA A 279 32.38 -1.07 21.80
CA ALA A 279 33.60 -1.10 21.00
C ALA A 279 34.70 -1.90 21.72
N GLN A 280 34.79 -1.76 23.05
CA GLN A 280 35.75 -2.47 23.89
C GLN A 280 35.52 -3.98 23.83
N LEU A 281 34.25 -4.41 24.07
CA LEU A 281 33.79 -5.80 24.07
C LEU A 281 34.04 -6.48 22.72
N PHE A 282 33.95 -5.68 21.63
CA PHE A 282 34.19 -6.14 20.26
C PHE A 282 35.68 -6.41 20.04
N GLU A 283 36.57 -5.59 20.66
CA GLU A 283 38.02 -5.75 20.51
C GLU A 283 38.50 -6.97 21.30
N ASP A 284 38.05 -7.07 22.56
CA ASP A 284 38.39 -8.16 23.45
C ASP A 284 37.81 -9.47 22.93
N THR A 285 38.69 -10.47 22.82
CA THR A 285 38.34 -11.81 22.35
C THR A 285 38.79 -12.82 23.40
N GLU A 286 39.78 -12.44 24.22
CA GLU A 286 40.37 -13.24 25.29
C GLU A 286 39.39 -13.36 26.47
N ASN A 287 38.81 -12.23 26.90
CA ASN A 287 37.89 -12.16 28.04
C ASN A 287 36.43 -12.36 27.61
N TYR A 288 36.02 -11.71 26.52
CA TYR A 288 34.66 -11.79 26.01
C TYR A 288 34.68 -12.43 24.60
N PRO A 289 34.66 -13.76 24.51
CA PRO A 289 34.76 -14.41 23.18
C PRO A 289 33.42 -14.61 22.48
N ASP A 290 32.32 -14.77 23.24
CA ASP A 290 30.98 -15.01 22.71
C ASP A 290 30.40 -13.76 22.03
N VAL A 291 30.91 -12.57 22.41
CA VAL A 291 30.51 -11.28 21.85
C VAL A 291 30.86 -11.26 20.35
N ARG A 292 32.10 -11.64 19.99
CA ARG A 292 32.57 -11.67 18.60
C ARG A 292 32.15 -12.94 17.82
N ALA A 293 31.40 -13.86 18.46
CA ALA A 293 30.96 -15.09 17.81
C ALA A 293 29.43 -15.19 17.75
N PHE A 294 28.70 -14.32 18.48
CA PHE A 294 27.24 -14.34 18.50
C PHE A 294 26.58 -12.98 18.20
N SER A 295 27.37 -11.90 18.05
CA SER A 295 26.80 -10.58 17.76
C SER A 295 27.73 -9.72 16.88
N THR A 296 28.67 -10.36 16.15
CA THR A 296 29.64 -9.71 15.26
C THR A 296 28.94 -8.82 14.24
N ASN A 297 27.99 -9.39 13.49
CA ASN A 297 27.18 -8.71 12.46
C ASN A 297 26.29 -7.63 13.09
N CYS A 298 25.68 -7.95 14.25
CA CYS A 298 24.76 -7.07 14.99
C CYS A 298 25.49 -5.83 15.51
N LEU A 299 26.69 -6.01 16.11
CA LEU A 299 27.48 -4.90 16.64
C LEU A 299 28.01 -4.04 15.50
N LEU A 300 28.39 -4.67 14.35
CA LEU A 300 28.87 -3.97 13.15
C LEU A 300 27.85 -2.92 12.71
N GLN A 301 26.56 -3.31 12.69
CA GLN A 301 25.43 -2.45 12.32
C GLN A 301 25.29 -1.29 13.30
N LEU A 302 25.62 -1.50 14.59
CA LEU A 302 25.59 -0.46 15.61
C LEU A 302 26.67 0.59 15.34
N PHE A 303 27.91 0.16 15.02
CA PHE A 303 29.04 1.05 14.76
C PHE A 303 28.79 1.97 13.56
N ALA A 304 28.12 1.46 12.51
CA ALA A 304 27.80 2.20 11.30
C ALA A 304 26.94 3.44 11.60
N GLU A 305 26.04 3.33 12.60
CA GLU A 305 25.17 4.43 13.02
C GLU A 305 25.93 5.46 13.84
N VAL A 306 26.98 5.02 14.56
CA VAL A 306 27.83 5.89 15.38
C VAL A 306 28.63 6.83 14.46
N SER A 307 29.12 6.30 13.33
CA SER A 307 29.86 7.08 12.34
C SER A 307 28.95 8.05 11.61
N ARG A 308 27.66 7.68 11.44
CA ARG A 308 26.65 8.44 10.73
C ARG A 308 25.96 9.52 11.57
N ILE A 309 25.94 9.40 12.93
CA ILE A 309 25.27 10.39 13.79
C ILE A 309 25.98 11.75 13.76
N GLU A 310 25.18 12.82 13.95
CA GLU A 310 25.53 14.24 13.91
C GLU A 310 26.54 14.62 14.99
N GLU A 311 27.81 14.81 14.56
CA GLU A 311 28.94 15.21 15.40
C GLU A 311 29.94 15.98 14.56
N ASP A 312 30.57 17.01 15.17
CA ASP A 312 31.53 17.86 14.49
C ASP A 312 32.97 17.64 15.04
N GLU A 313 33.81 16.89 14.31
CA GLU A 313 33.46 16.20 13.06
C GLU A 313 33.99 14.78 13.17
N TYR A 314 33.09 13.87 13.60
CA TYR A 314 33.28 12.43 13.81
C TYR A 314 34.45 12.22 14.78
N SER A 315 34.13 12.35 16.08
CA SER A 315 35.07 12.22 17.20
C SER A 315 34.75 10.99 18.07
N LEU A 316 33.46 10.82 18.45
CA LEU A 316 33.00 9.70 19.27
C LEU A 316 33.30 8.38 18.59
N PHE A 317 33.07 8.30 17.27
CA PHE A 317 33.36 7.11 16.49
C PHE A 317 34.86 7.00 16.24
N LYS A 318 35.54 8.16 16.04
CA LYS A 318 36.99 8.26 15.81
C LYS A 318 37.78 7.68 17.00
N THR A 319 37.29 7.95 18.23
CA THR A 319 37.86 7.47 19.48
C THR A 319 37.68 5.94 19.56
N MET A 320 36.49 5.45 19.20
CA MET A 320 36.14 4.02 19.17
C MET A 320 37.00 3.27 18.16
N ASP A 321 37.30 3.93 17.02
CA ASP A 321 38.10 3.39 15.93
C ASP A 321 39.58 3.31 16.31
N LYS A 322 40.17 4.41 16.81
CA LYS A 322 41.59 4.49 17.17
C LYS A 322 41.97 3.63 18.38
N ASP A 323 41.09 3.52 19.39
CA ASP A 323 41.39 2.76 20.61
C ASP A 323 41.03 1.28 20.49
N SER A 324 39.79 0.93 20.08
CA SER A 324 39.37 -0.47 20.00
C SER A 324 39.19 -1.03 18.56
N LEU A 325 38.06 -0.73 17.89
CA LEU A 325 37.66 -1.20 16.55
C LEU A 325 38.84 -1.49 15.62
N LYS A 326 39.68 -0.46 15.33
CA LYS A 326 40.86 -0.50 14.45
C LYS A 326 40.45 -0.88 13.02
N ILE A 327 39.89 0.11 12.25
CA ILE A 327 39.48 -0.05 10.85
C ILE A 327 40.74 -0.31 10.05
N GLY A 328 40.72 -1.42 9.33
CA GLY A 328 41.88 -1.94 8.62
C GLY A 328 42.48 -2.95 9.57
N SER A 329 43.84 -3.05 9.62
CA SER A 329 44.61 -3.96 10.49
C SER A 329 44.09 -5.42 10.44
N GLU A 330 42.88 -5.67 10.99
CA GLU A 330 42.18 -6.96 11.00
C GLU A 330 41.71 -7.25 9.58
N ALA A 331 42.46 -8.11 8.87
CA ALA A 331 42.25 -8.48 7.47
C ALA A 331 40.83 -8.95 7.15
N LYS A 332 40.31 -9.90 7.94
CA LYS A 332 38.98 -10.52 7.76
C LYS A 332 37.81 -9.55 8.06
N LEU A 333 38.10 -8.30 8.42
CA LEU A 333 37.09 -7.29 8.73
C LEU A 333 37.03 -6.16 7.72
N ILE A 334 38.13 -5.89 6.97
CA ILE A 334 38.27 -4.82 5.97
C ILE A 334 37.06 -4.80 5.02
N THR A 335 36.59 -5.98 4.58
CA THR A 335 35.43 -6.15 3.71
C THR A 335 34.23 -5.42 4.32
N GLU A 336 33.80 -5.86 5.51
CA GLU A 336 32.65 -5.36 6.28
C GLU A 336 32.74 -3.88 6.60
N TRP A 337 33.95 -3.35 6.94
CA TRP A 337 34.11 -1.92 7.26
C TRP A 337 33.77 -1.08 6.04
N LEU A 338 34.23 -1.52 4.85
CA LEU A 338 33.94 -0.85 3.60
C LEU A 338 32.52 -1.19 3.12
N GLU A 339 31.85 -2.15 3.79
CA GLU A 339 30.49 -2.61 3.47
C GLU A 339 29.44 -1.99 4.39
N LEU A 340 29.83 -1.47 5.57
CA LEU A 340 28.84 -0.96 6.51
C LEU A 340 29.10 0.49 7.01
N ILE A 341 30.36 0.83 7.38
CA ILE A 341 30.74 2.15 7.91
C ILE A 341 30.39 3.28 6.94
N ASN A 342 30.05 4.47 7.50
CA ASN A 342 29.73 5.68 6.75
C ASN A 342 30.89 6.03 5.80
N PRO A 343 30.62 6.15 4.47
CA PRO A 343 31.70 6.46 3.53
C PRO A 343 32.30 7.85 3.74
N GLN A 344 31.49 8.81 4.25
CA GLN A 344 31.91 10.18 4.55
C GLN A 344 33.02 10.19 5.60
N TYR A 345 33.04 9.15 6.47
CA TYR A 345 34.09 8.97 7.47
C TYR A 345 35.27 8.25 6.81
N LEU A 346 34.96 7.18 6.03
CA LEU A 346 35.93 6.34 5.31
C LEU A 346 36.78 7.12 4.31
N VAL A 347 36.25 8.20 3.73
CA VAL A 347 36.99 9.02 2.76
C VAL A 347 37.99 9.95 3.49
N LYS A 348 37.55 10.65 4.53
CA LYS A 348 38.32 11.61 5.30
C LYS A 348 39.45 10.98 6.14
N TYR A 349 39.35 9.69 6.50
CA TYR A 349 40.36 9.08 7.39
C TYR A 349 40.96 7.77 6.89
N HIS A 350 40.24 6.99 6.05
CA HIS A 350 40.76 5.71 5.57
C HIS A 350 40.75 5.60 4.03
N LYS A 351 41.08 6.72 3.34
CA LYS A 351 41.12 6.84 1.88
C LYS A 351 41.94 5.70 1.23
N ASP A 352 43.09 5.36 1.83
CA ASP A 352 44.01 4.31 1.39
C ASP A 352 43.32 2.93 1.32
N VAL A 353 42.57 2.58 2.39
CA VAL A 353 41.85 1.31 2.58
C VAL A 353 40.85 1.11 1.43
N VAL A 354 40.10 2.18 1.11
CA VAL A 354 39.09 2.22 0.04
C VAL A 354 39.76 1.91 -1.31
N GLU A 355 40.94 2.53 -1.57
CA GLU A 355 41.68 2.35 -2.82
C GLU A 355 42.38 1.00 -2.88
N ASN A 356 42.85 0.48 -1.74
CA ASN A 356 43.59 -0.78 -1.70
C ASN A 356 42.79 -1.92 -1.04
N TYR A 357 41.69 -2.32 -1.70
CA TYR A 357 40.79 -3.41 -1.34
C TYR A 357 39.58 -3.45 -2.28
N PHE A 358 38.79 -2.36 -2.34
CA PHE A 358 37.60 -2.31 -3.20
C PHE A 358 37.98 -2.07 -4.66
N HIS A 359 37.51 -2.97 -5.52
CA HIS A 359 37.68 -2.91 -6.96
C HIS A 359 36.45 -3.45 -7.63
N VAL A 360 36.45 -3.52 -8.97
CA VAL A 360 35.32 -4.06 -9.72
C VAL A 360 35.42 -5.59 -9.68
N SER A 361 34.52 -6.24 -8.90
CA SER A 361 34.44 -7.69 -8.71
C SER A 361 33.11 -8.09 -8.06
N GLY A 362 32.58 -9.25 -8.47
CA GLY A 362 31.33 -9.81 -7.97
C GLY A 362 31.41 -10.32 -6.55
N TYR A 363 31.81 -9.42 -5.64
CA TYR A 363 32.01 -9.63 -4.20
C TYR A 363 32.02 -8.27 -3.54
N SER A 364 32.61 -7.29 -4.24
CA SER A 364 32.70 -5.91 -3.79
C SER A 364 31.38 -5.19 -4.03
N ILE A 365 30.35 -5.93 -4.46
CA ILE A 365 28.99 -5.47 -4.73
C ILE A 365 28.59 -4.51 -3.60
N GLY A 366 28.57 -5.05 -2.38
CA GLY A 366 28.22 -4.33 -1.16
C GLY A 366 29.17 -3.20 -0.84
N MET A 367 30.46 -3.38 -1.16
CA MET A 367 31.45 -2.34 -0.91
C MET A 367 31.14 -1.16 -1.83
N LEU A 368 30.83 -1.42 -3.11
CA LEU A 368 30.47 -0.38 -4.08
C LEU A 368 29.21 0.35 -3.62
N ARG A 369 28.17 -0.40 -3.20
CA ARG A 369 26.89 0.13 -2.73
C ARG A 369 27.05 1.15 -1.60
N ASN A 370 27.77 0.77 -0.53
CA ASN A 370 28.02 1.58 0.66
C ASN A 370 28.95 2.77 0.39
N LEU A 371 30.02 2.57 -0.41
CA LEU A 371 30.99 3.63 -0.75
C LEU A 371 30.44 4.64 -1.78
N SER A 372 29.35 4.29 -2.50
CA SER A 372 28.75 5.14 -3.53
C SER A 372 28.00 6.35 -2.96
N ALA A 373 27.61 6.33 -1.68
CA ALA A 373 26.82 7.37 -0.99
C ALA A 373 27.45 8.77 -0.99
N ASP A 374 28.81 8.87 -1.04
CA ASP A 374 29.51 10.15 -1.07
C ASP A 374 30.29 10.30 -2.37
N GLU A 375 30.24 11.51 -2.96
CA GLU A 375 30.92 11.83 -4.22
C GLU A 375 32.44 11.74 -4.06
N GLU A 376 32.99 12.34 -2.99
CA GLU A 376 34.42 12.34 -2.68
C GLU A 376 34.96 10.90 -2.59
N CYS A 377 34.18 10.01 -1.95
CA CYS A 377 34.53 8.60 -1.79
C CYS A 377 34.50 7.89 -3.13
N PHE A 378 33.46 8.14 -3.94
CA PHE A 378 33.29 7.54 -5.27
C PHE A 378 34.38 8.02 -6.24
N ASN A 379 34.82 9.28 -6.09
CA ASN A 379 35.87 9.87 -6.92
C ASN A 379 37.23 9.22 -6.62
N ALA A 380 37.43 8.73 -5.38
CA ALA A 380 38.66 8.06 -4.96
C ALA A 380 38.79 6.67 -5.59
N ILE A 381 37.67 6.12 -6.10
CA ILE A 381 37.65 4.79 -6.72
C ILE A 381 37.21 4.85 -8.21
N ARG A 382 37.33 6.02 -8.85
CA ARG A 382 37.05 6.20 -10.29
C ARG A 382 38.13 5.47 -11.10
N ASN A 383 39.39 5.55 -10.63
CA ASN A 383 40.58 4.93 -11.23
C ASN A 383 40.51 3.40 -11.17
N LYS A 384 40.23 2.85 -9.95
CA LYS A 384 40.10 1.41 -9.66
C LYS A 384 38.94 0.81 -10.47
N PHE A 385 38.05 1.69 -10.97
CA PHE A 385 36.90 1.37 -11.81
C PHE A 385 37.29 1.49 -13.27
N SER A 386 36.88 0.50 -14.09
CA SER A 386 37.14 0.50 -15.53
C SER A 386 36.07 -0.29 -16.26
N ALA A 387 35.69 0.20 -17.46
CA ALA A 387 34.66 -0.38 -18.33
C ALA A 387 34.90 -1.85 -18.64
N GLU A 388 36.15 -2.21 -19.03
CA GLU A 388 36.55 -3.55 -19.42
C GLU A 388 36.30 -4.60 -18.31
N ILE A 389 36.42 -4.22 -17.02
CA ILE A 389 36.23 -5.13 -15.88
C ILE A 389 34.75 -5.54 -15.74
N VAL A 390 33.85 -4.56 -15.85
CA VAL A 390 32.40 -4.73 -15.73
C VAL A 390 31.87 -5.71 -16.78
N LEU A 391 32.39 -5.63 -18.02
CA LEU A 391 31.99 -6.48 -19.15
C LEU A 391 32.37 -7.96 -18.97
N ARG A 392 33.45 -8.25 -18.22
CA ARG A 392 33.94 -9.62 -17.98
C ARG A 392 33.24 -10.30 -16.81
N LEU A 393 32.37 -9.58 -16.11
CA LEU A 393 31.60 -10.14 -15.00
C LEU A 393 30.39 -10.90 -15.51
N PRO A 394 29.83 -11.91 -14.79
CA PRO A 394 28.61 -12.56 -15.28
C PRO A 394 27.47 -11.54 -15.28
N TYR A 395 26.60 -11.59 -16.32
CA TYR A 395 25.49 -10.66 -16.55
C TYR A 395 24.69 -10.31 -15.28
N LEU A 396 24.64 -11.22 -14.28
CA LEU A 396 23.99 -11.02 -12.99
C LEU A 396 24.70 -9.87 -12.25
N GLU A 397 26.01 -10.03 -12.00
CA GLU A 397 26.85 -9.05 -11.32
C GLU A 397 27.00 -7.81 -12.18
N GLN A 398 27.12 -8.01 -13.51
CA GLN A 398 27.23 -6.94 -14.50
C GLN A 398 26.14 -5.92 -14.22
N MET A 399 24.88 -6.38 -14.18
CA MET A 399 23.73 -5.53 -13.90
C MET A 399 23.79 -4.98 -12.48
N GLN A 400 24.17 -5.81 -11.48
CA GLN A 400 24.29 -5.39 -10.07
C GLN A 400 25.13 -4.12 -9.93
N VAL A 401 26.26 -4.09 -10.64
CA VAL A 401 27.19 -2.96 -10.68
C VAL A 401 26.50 -1.77 -11.35
N VAL A 402 25.90 -1.97 -12.55
CA VAL A 402 25.19 -0.94 -13.32
C VAL A 402 24.10 -0.31 -12.44
N GLU A 403 23.28 -1.16 -11.78
CA GLU A 403 22.20 -0.76 -10.88
C GLU A 403 22.72 0.15 -9.79
N THR A 404 23.83 -0.26 -9.17
CA THR A 404 24.48 0.47 -8.11
C THR A 404 24.98 1.83 -8.61
N LEU A 405 25.48 1.90 -9.86
CA LEU A 405 25.97 3.15 -10.45
C LEU A 405 24.82 4.04 -10.94
N THR A 406 23.58 3.51 -10.98
CA THR A 406 22.42 4.30 -11.40
C THR A 406 21.67 4.80 -10.16
N ARG A 407 22.32 4.79 -8.98
CA ARG A 407 21.70 5.21 -7.72
C ARG A 407 21.82 6.72 -7.49
N TYR A 408 22.94 7.34 -7.92
CA TYR A 408 23.21 8.78 -7.72
C TYR A 408 23.53 9.49 -9.04
N GLU A 409 23.52 10.84 -9.02
CA GLU A 409 23.77 11.65 -10.21
C GLU A 409 25.24 11.64 -10.68
N TYR A 410 26.21 11.73 -9.73
CA TYR A 410 27.64 11.72 -10.07
C TYR A 410 28.12 10.35 -10.58
N THR A 411 27.43 9.26 -10.19
CA THR A 411 27.76 7.91 -10.64
C THR A 411 27.27 7.71 -12.08
N SER A 412 26.19 8.43 -12.48
CA SER A 412 25.60 8.41 -13.82
C SER A 412 26.56 9.03 -14.81
N LYS A 413 27.21 10.12 -14.39
CA LYS A 413 28.25 10.87 -15.11
C LYS A 413 29.42 9.94 -15.49
N PHE A 414 29.73 8.99 -14.61
CA PHE A 414 30.80 8.02 -14.79
C PHE A 414 30.33 6.77 -15.58
N LEU A 415 29.02 6.53 -15.65
CA LEU A 415 28.49 5.36 -16.37
C LEU A 415 28.10 5.72 -17.80
N LEU A 416 27.27 6.76 -17.99
CA LEU A 416 26.75 7.21 -19.30
C LEU A 416 27.84 7.60 -20.31
N ASN A 417 28.88 8.33 -19.85
CA ASN A 417 29.92 8.88 -20.71
C ASN A 417 31.26 8.16 -20.64
N GLU A 418 31.74 7.84 -19.43
CA GLU A 418 33.06 7.22 -19.25
C GLU A 418 33.07 5.76 -19.71
N MET A 419 32.04 4.97 -19.33
CA MET A 419 31.93 3.55 -19.70
C MET A 419 30.69 3.32 -20.56
N PRO A 420 30.69 3.69 -21.85
CA PRO A 420 29.48 3.51 -22.65
C PRO A 420 29.32 2.09 -23.15
N LYS A 421 30.41 1.29 -23.20
CA LYS A 421 30.34 -0.11 -23.61
C LYS A 421 29.58 -0.94 -22.57
N VAL A 422 29.58 -0.46 -21.31
CA VAL A 422 28.86 -1.03 -20.17
C VAL A 422 27.37 -0.68 -20.35
N MET A 423 27.07 0.61 -20.62
CA MET A 423 25.72 1.13 -20.88
C MET A 423 25.12 0.43 -22.11
N GLY A 424 25.98 0.20 -23.11
CA GLY A 424 25.63 -0.49 -24.34
C GLY A 424 25.33 -1.96 -24.09
N SER A 425 25.98 -2.54 -23.07
CA SER A 425 25.76 -3.92 -22.67
C SER A 425 24.46 -4.03 -21.87
N LEU A 426 24.06 -2.94 -21.17
CA LEU A 426 22.83 -2.84 -20.37
C LEU A 426 21.61 -3.00 -21.29
N ILE A 427 21.64 -2.31 -22.44
CA ILE A 427 20.63 -2.38 -23.50
C ILE A 427 20.80 -3.73 -24.19
N GLY A 428 22.06 -4.16 -24.31
CA GLY A 428 22.45 -5.40 -24.95
C GLY A 428 22.19 -5.33 -26.43
N ASP A 429 23.19 -4.83 -27.22
CA ASP A 429 23.14 -4.70 -28.69
C ASP A 429 22.63 -6.03 -29.28
N GLY A 430 23.03 -7.10 -28.62
CA GLY A 430 22.61 -8.48 -28.84
C GLY A 430 22.30 -9.02 -27.45
N SER A 431 23.38 -9.40 -26.73
CA SER A 431 23.41 -9.92 -25.36
C SER A 431 24.84 -10.23 -24.92
N ALA A 432 25.23 -9.77 -23.72
CA ALA A 432 26.55 -10.02 -23.15
C ALA A 432 26.49 -11.19 -22.12
N GLY A 433 25.69 -12.20 -22.47
CA GLY A 433 25.44 -13.40 -21.69
C GLY A 433 24.24 -14.13 -22.24
N ALA A 434 23.03 -13.78 -21.73
CA ALA A 434 21.69 -14.29 -22.08
C ALA A 434 21.51 -15.80 -21.73
N ILE A 435 20.27 -16.25 -21.36
CA ILE A 435 19.01 -15.51 -21.21
C ILE A 435 18.55 -15.60 -19.73
N ILE A 436 18.76 -16.79 -19.06
CA ILE A 436 18.42 -17.12 -17.66
C ILE A 436 18.72 -15.94 -16.75
N ASP A 437 17.70 -15.44 -16.09
CA ASP A 437 17.81 -14.24 -15.29
C ASP A 437 17.81 -14.50 -13.79
N LEU A 438 16.74 -15.16 -13.29
CA LEU A 438 16.44 -15.44 -11.88
C LEU A 438 15.89 -14.14 -11.24
N GLU A 439 16.81 -13.23 -10.87
CA GLU A 439 16.53 -11.96 -10.19
C GLU A 439 17.03 -10.76 -10.98
N THR A 440 18.19 -10.93 -11.66
CA THR A 440 18.94 -9.97 -12.48
C THR A 440 18.08 -8.87 -13.13
N VAL A 441 16.87 -9.21 -13.61
CA VAL A 441 15.96 -8.27 -14.27
C VAL A 441 15.60 -7.17 -13.27
N HIS A 442 15.32 -7.52 -11.98
CA HIS A 442 15.01 -6.53 -10.93
C HIS A 442 16.08 -5.43 -10.90
N TYR A 443 17.37 -5.83 -11.03
CA TYR A 443 18.53 -4.95 -11.07
C TYR A 443 18.54 -4.18 -12.39
N ARG A 444 18.41 -4.90 -13.53
CA ARG A 444 18.38 -4.33 -14.87
C ARG A 444 17.28 -3.27 -14.95
N ASN A 445 16.03 -3.66 -14.62
CA ASN A 445 14.83 -2.81 -14.60
C ASN A 445 15.03 -1.57 -13.74
N SER A 446 15.56 -1.72 -12.51
CA SER A 446 15.83 -0.59 -11.61
C SER A 446 16.78 0.38 -12.30
N ALA A 447 17.91 -0.14 -12.83
CA ALA A 447 18.92 0.64 -13.57
C ALA A 447 18.31 1.28 -14.79
N LEU A 448 17.34 0.60 -15.41
CA LEU A 448 16.65 1.11 -16.58
C LEU A 448 15.69 2.24 -16.17
N ARG A 449 14.86 2.03 -15.12
CA ARG A 449 13.89 3.04 -14.64
C ARG A 449 14.57 4.21 -13.92
N ASN A 450 15.77 3.99 -13.33
CA ASN A 450 16.50 5.04 -12.64
C ASN A 450 17.14 6.02 -13.61
N LEU A 451 17.73 5.50 -14.71
CA LEU A 451 18.34 6.32 -15.77
C LEU A 451 17.29 7.18 -16.47
N LEU A 452 16.09 6.62 -16.72
CA LEU A 452 14.97 7.30 -17.37
C LEU A 452 14.43 8.46 -16.53
N ASP A 453 14.63 8.42 -15.20
CA ASP A 453 14.19 9.46 -14.26
C ASP A 453 15.01 10.75 -14.36
N LYS A 454 16.14 10.70 -15.08
CA LYS A 454 17.05 11.83 -15.28
C LYS A 454 16.55 12.79 -16.38
N GLY A 455 15.65 12.31 -17.23
CA GLY A 455 15.09 13.09 -18.34
C GLY A 455 15.85 12.90 -19.64
N GLU A 456 15.19 13.23 -20.79
CA GLU A 456 15.76 13.12 -22.14
C GLU A 456 17.02 13.96 -22.30
N GLU A 457 16.99 15.20 -21.73
CA GLU A 457 18.09 16.16 -21.76
C GLU A 457 19.37 15.58 -21.15
N LYS A 458 19.25 14.91 -19.98
CA LYS A 458 20.39 14.31 -19.28
C LYS A 458 20.87 13.02 -19.96
N LEU A 459 19.92 12.15 -20.38
CA LEU A 459 20.21 10.86 -21.01
C LEU A 459 20.92 10.98 -22.34
N SER A 460 20.64 12.06 -23.10
CA SER A 460 21.22 12.39 -24.40
C SER A 460 20.90 11.29 -25.45
N VAL A 461 21.92 10.55 -25.96
CA VAL A 461 21.79 9.49 -26.99
C VAL A 461 21.42 8.11 -26.38
N TRP A 462 20.77 8.12 -25.21
CA TRP A 462 20.37 6.89 -24.54
C TRP A 462 18.87 6.88 -24.17
N TYR A 463 18.16 8.05 -24.28
CA TYR A 463 16.74 8.15 -23.94
C TYR A 463 15.89 7.16 -24.74
N GLU A 464 16.15 7.01 -26.04
CA GLU A 464 15.39 6.09 -26.89
C GLU A 464 15.74 4.60 -26.59
N PRO A 465 17.01 4.12 -26.58
CA PRO A 465 17.24 2.69 -26.27
C PRO A 465 16.81 2.26 -24.87
N LEU A 466 16.93 3.15 -23.87
CA LEU A 466 16.55 2.87 -22.49
C LEU A 466 15.04 2.73 -22.31
N LEU A 467 14.26 3.67 -22.88
CA LEU A 467 12.79 3.66 -22.80
C LEU A 467 12.23 2.45 -23.52
N ARG A 468 12.93 1.97 -24.57
CA ARG A 468 12.56 0.81 -25.36
C ARG A 468 12.76 -0.49 -24.56
N GLU A 469 13.97 -0.69 -23.99
CA GLU A 469 14.32 -1.91 -23.24
C GLU A 469 13.55 -2.08 -21.94
N TYR A 470 13.24 -0.98 -21.23
CA TYR A 470 12.48 -0.98 -19.97
C TYR A 470 11.02 -1.35 -20.23
N SER A 471 10.47 -0.89 -21.37
CA SER A 471 9.10 -1.16 -21.76
C SER A 471 8.90 -2.64 -22.09
N LYS A 472 9.99 -3.37 -22.36
CA LYS A 472 9.99 -4.80 -22.69
C LYS A 472 9.65 -5.67 -21.46
N ALA A 473 9.82 -5.12 -20.24
CA ALA A 473 9.55 -5.84 -19.00
C ALA A 473 8.19 -5.47 -18.40
N VAL A 474 7.76 -4.21 -18.56
CA VAL A 474 6.50 -3.72 -18.01
C VAL A 474 5.28 -4.29 -18.78
N ASN A 475 5.44 -4.62 -20.08
CA ASN A 475 4.37 -5.16 -20.93
C ASN A 475 4.51 -6.68 -21.12
N GLY A 476 5.74 -7.12 -21.43
CA GLY A 476 6.08 -8.51 -21.67
C GLY A 476 6.02 -9.37 -20.42
N TYR B 19 -1.91 21.41 20.33
CA TYR B 19 -2.50 20.15 20.79
C TYR B 19 -3.96 19.96 20.30
N VAL B 20 -4.86 20.92 20.63
CA VAL B 20 -6.28 20.88 20.25
C VAL B 20 -6.52 21.99 19.14
N GLU B 21 -7.52 22.89 19.29
CA GLU B 21 -7.83 23.98 18.35
C GLU B 21 -6.93 25.20 18.60
N ASN B 22 -5.99 25.08 19.59
CA ASN B 22 -5.01 26.08 20.01
C ASN B 22 -3.96 26.39 18.93
N LEU B 23 -3.83 25.49 17.92
CA LEU B 23 -2.91 25.60 16.78
C LEU B 23 -3.59 26.37 15.64
N LEU B 24 -4.94 26.25 15.51
CA LEU B 24 -5.75 26.92 14.48
C LEU B 24 -6.22 28.30 14.93
N THR B 25 -6.29 28.53 16.26
CA THR B 25 -6.64 29.82 16.85
C THR B 25 -5.34 30.64 17.09
N GLN B 26 -4.18 30.04 16.76
CA GLN B 26 -2.83 30.61 16.79
C GLN B 26 -2.58 31.30 15.43
N LEU B 27 -3.00 30.61 14.33
CA LEU B 27 -2.97 31.07 12.93
C LEU B 27 -3.96 32.24 12.77
N GLU B 28 -5.08 32.19 13.51
CA GLU B 28 -6.19 33.16 13.60
C GLU B 28 -5.70 34.62 13.80
N ASN B 29 -4.84 34.85 14.80
CA ASN B 29 -4.30 36.15 15.21
C ASN B 29 -3.22 36.69 14.24
N GLU B 30 -2.54 35.79 13.51
CA GLU B 30 -1.48 36.09 12.53
C GLU B 30 -2.10 36.50 11.18
N LEU B 31 -3.36 36.06 10.93
CA LEU B 31 -4.18 36.40 9.76
C LEU B 31 -4.84 37.79 10.00
N ASN B 32 -5.25 38.05 11.28
CA ASN B 32 -5.86 39.31 11.77
C ASN B 32 -4.87 40.48 11.69
N GLU B 33 -3.56 40.17 11.70
CA GLU B 33 -2.44 41.11 11.61
C GLU B 33 -2.42 41.77 10.22
N ASP B 34 -2.28 43.12 10.22
CA ASP B 34 -2.24 44.00 9.05
C ASP B 34 -1.05 43.60 8.16
N ASN B 35 0.16 43.53 8.77
CA ASN B 35 1.37 43.03 8.14
C ASN B 35 1.64 41.65 8.73
N LEU B 36 1.07 40.61 8.08
CA LEU B 36 1.14 39.19 8.44
C LEU B 36 2.58 38.74 8.76
N PRO B 37 2.82 37.90 9.81
CA PRO B 37 4.19 37.46 10.08
C PRO B 37 4.67 36.56 8.95
N GLU B 38 5.71 37.04 8.23
CA GLU B 38 6.34 36.41 7.05
C GLU B 38 6.67 34.91 7.31
N ASP B 39 6.93 34.57 8.62
CA ASP B 39 7.20 33.24 9.19
C ASP B 39 8.38 32.50 8.52
N ILE B 40 8.52 31.18 8.86
CA ILE B 40 9.46 30.21 8.25
C ILE B 40 8.74 29.71 6.98
N ASN B 41 7.45 30.03 6.85
CA ASN B 41 6.64 29.55 5.73
C ASN B 41 5.89 28.28 6.11
N THR B 42 6.09 27.89 7.37
CA THR B 42 5.50 26.70 8.00
C THR B 42 4.24 27.06 8.83
N LEU B 43 3.82 28.36 8.80
CA LEU B 43 2.65 28.93 9.46
C LEU B 43 1.38 28.09 9.17
N LEU B 44 1.26 27.56 7.93
CA LEU B 44 0.16 26.71 7.49
C LEU B 44 0.61 25.28 7.16
N ARG B 45 1.94 25.05 7.08
CA ARG B 45 2.53 23.73 6.81
C ARG B 45 2.33 22.79 8.04
N LYS B 46 1.70 23.30 9.10
CA LYS B 46 1.42 22.55 10.32
C LYS B 46 -0.10 22.47 10.55
N CYS B 47 -0.81 23.62 10.48
CA CYS B 47 -2.26 23.80 10.66
C CYS B 47 -3.09 22.87 9.74
N SER B 48 -2.61 22.63 8.50
CA SER B 48 -3.25 21.79 7.47
C SER B 48 -3.01 20.28 7.71
N LEU B 49 -1.78 19.89 8.14
CA LEU B 49 -1.39 18.49 8.37
C LEU B 49 -1.90 17.96 9.72
N ASN B 50 -2.14 18.85 10.69
CA ASN B 50 -2.63 18.50 12.02
C ASN B 50 -4.16 18.32 12.03
N LEU B 51 -4.86 18.96 11.06
CA LEU B 51 -6.32 18.88 10.90
C LEU B 51 -6.73 17.50 10.39
N VAL B 52 -5.78 16.77 9.75
CA VAL B 52 -5.93 15.43 9.17
C VAL B 52 -6.37 14.42 10.27
N THR B 53 -5.94 14.67 11.53
CA THR B 53 -6.26 13.89 12.74
C THR B 53 -7.80 13.80 12.98
N VAL B 54 -8.54 14.88 12.63
CA VAL B 54 -9.99 14.96 12.77
C VAL B 54 -10.62 15.33 11.43
N ASP B 61 -15.98 28.52 20.37
CA ASP B 61 -15.98 29.26 19.11
C ASP B 61 -16.06 28.27 17.94
N VAL B 62 -17.05 28.48 17.05
CA VAL B 62 -17.31 27.65 15.87
C VAL B 62 -17.04 28.47 14.59
N LYS B 63 -17.19 29.79 14.68
CA LYS B 63 -16.96 30.67 13.54
C LYS B 63 -15.77 31.64 13.65
N PRO B 64 -14.68 31.22 14.29
CA PRO B 64 -13.46 32.03 14.26
C PRO B 64 -12.77 32.08 12.88
N LEU B 65 -12.07 31.00 12.57
CA LEU B 65 -11.24 30.80 11.38
C LEU B 65 -12.07 30.63 10.06
N LEU B 66 -13.39 30.87 10.12
CA LEU B 66 -14.23 30.82 8.92
C LEU B 66 -14.24 32.20 8.26
N ALA B 67 -14.46 33.26 9.08
CA ALA B 67 -14.48 34.67 8.66
C ALA B 67 -13.06 35.24 8.53
N THR B 68 -12.10 34.68 9.27
CA THR B 68 -10.68 35.07 9.33
C THR B 68 -9.96 34.67 8.03
N ILE B 69 -10.29 33.49 7.47
CA ILE B 69 -9.73 33.01 6.20
C ILE B 69 -10.46 33.73 5.05
N LYS B 70 -11.78 33.99 5.22
CA LYS B 70 -12.66 34.67 4.26
C LYS B 70 -12.10 36.02 3.77
N ARG B 71 -11.33 36.74 4.61
CA ARG B 71 -10.72 38.04 4.29
C ARG B 71 -9.57 37.94 3.30
N PHE B 72 -8.97 36.74 3.13
CA PHE B 72 -7.84 36.49 2.24
C PHE B 72 -8.32 36.02 0.88
N LEU B 73 -9.41 35.23 0.89
CA LEU B 73 -10.09 34.72 -0.30
C LEU B 73 -10.76 35.89 -1.05
N THR B 74 -11.49 36.77 -0.32
CA THR B 74 -12.15 37.97 -0.85
C THR B 74 -11.12 39.08 -1.18
N SER B 75 -9.87 38.95 -0.66
CA SER B 75 -8.79 39.91 -0.88
C SER B 75 -8.24 39.77 -2.30
N ASN B 76 -8.40 40.87 -3.07
CA ASN B 76 -7.98 41.01 -4.47
C ASN B 76 -6.44 41.09 -4.63
N VAL B 77 -5.70 41.46 -3.56
CA VAL B 77 -4.24 41.55 -3.60
C VAL B 77 -3.63 40.11 -3.57
N SER B 78 -2.50 39.91 -4.28
CA SER B 78 -1.79 38.64 -4.38
C SER B 78 -0.94 38.41 -3.12
N TYR B 79 -0.98 37.19 -2.56
CA TYR B 79 -0.25 36.81 -1.34
C TYR B 79 0.90 35.84 -1.69
N ASP B 80 2.12 36.41 -1.74
CA ASP B 80 3.40 35.76 -2.07
C ASP B 80 3.99 35.03 -0.86
N SER B 81 4.80 33.97 -1.15
CA SER B 81 5.48 33.04 -0.22
C SER B 81 4.44 32.27 0.60
N LEU B 82 4.41 30.93 0.41
CA LEU B 82 3.47 29.97 1.01
C LEU B 82 2.11 30.10 0.29
N ASN B 83 1.68 28.97 -0.31
CA ASN B 83 0.45 28.86 -1.09
C ASN B 83 -0.83 28.95 -0.25
N TYR B 84 -1.93 29.26 -0.95
CA TYR B 84 -3.29 29.30 -0.44
C TYR B 84 -3.79 27.86 -0.30
N ASP B 85 -3.07 26.89 -0.95
CA ASP B 85 -3.33 25.44 -0.96
C ASP B 85 -3.58 24.90 0.44
N TYR B 86 -2.71 25.31 1.38
CA TYR B 86 -2.73 24.93 2.80
C TYR B 86 -3.81 25.73 3.55
N LEU B 87 -4.06 27.00 3.16
CA LEU B 87 -5.12 27.86 3.73
C LEU B 87 -6.51 27.31 3.30
N LEU B 88 -6.60 26.79 2.05
CA LEU B 88 -7.81 26.20 1.48
C LEU B 88 -8.02 24.79 2.00
N ASP B 89 -6.94 24.09 2.40
CA ASP B 89 -7.05 22.76 2.98
C ASP B 89 -7.67 22.88 4.36
N VAL B 90 -7.29 23.95 5.12
CA VAL B 90 -7.80 24.24 6.46
C VAL B 90 -9.34 24.41 6.35
N VAL B 91 -9.82 25.06 5.27
CA VAL B 91 -11.24 25.26 4.97
C VAL B 91 -11.88 23.90 4.54
N ASP B 92 -11.18 23.09 3.69
CA ASP B 92 -11.62 21.75 3.23
C ASP B 92 -11.76 20.76 4.41
N LYS B 93 -11.11 21.06 5.55
CA LYS B 93 -11.18 20.24 6.75
C LYS B 93 -12.20 20.83 7.73
N LEU B 94 -12.12 22.15 8.02
CA LEU B 94 -12.96 22.88 8.97
C LEU B 94 -14.44 22.93 8.56
N VAL B 95 -14.75 23.42 7.33
CA VAL B 95 -16.12 23.58 6.80
C VAL B 95 -16.91 22.23 6.95
N PRO B 96 -16.41 21.03 6.50
CA PRO B 96 -17.16 19.79 6.77
C PRO B 96 -16.99 19.40 8.26
N MET B 97 -16.36 18.24 8.57
CA MET B 97 -16.16 17.70 9.94
C MET B 97 -17.50 17.73 10.73
N ALA B 98 -17.92 18.93 11.19
CA ALA B 98 -19.16 19.20 11.90
C ALA B 98 -19.55 20.69 11.79
N ASP B 99 -20.84 21.01 12.08
CA ASP B 99 -21.51 22.31 12.10
C ASP B 99 -21.56 22.99 10.74
N PHE B 100 -22.78 23.39 10.35
CA PHE B 100 -23.08 24.07 9.10
C PHE B 100 -23.95 25.32 9.32
N ASP B 101 -24.66 25.41 10.45
CA ASP B 101 -25.50 26.57 10.78
C ASP B 101 -24.63 27.78 11.12
N ASP B 102 -23.39 27.51 11.61
CA ASP B 102 -22.35 28.49 11.93
C ASP B 102 -21.60 28.90 10.65
N VAL B 103 -21.31 27.90 9.76
CA VAL B 103 -20.63 28.08 8.45
C VAL B 103 -21.58 28.89 7.51
N LEU B 104 -22.91 28.68 7.64
CA LEU B 104 -23.95 29.37 6.87
C LEU B 104 -24.09 30.83 7.31
N GLU B 105 -23.62 31.18 8.52
CA GLU B 105 -23.63 32.55 9.05
C GLU B 105 -22.49 33.38 8.40
N VAL B 106 -21.30 32.75 8.23
CA VAL B 106 -20.12 33.37 7.61
C VAL B 106 -20.31 33.35 6.08
N TYR B 107 -20.64 32.17 5.51
CA TYR B 107 -20.88 31.97 4.08
C TYR B 107 -22.35 31.59 3.82
N SER B 108 -23.22 32.60 3.59
CA SER B 108 -24.65 32.40 3.29
C SER B 108 -24.89 32.30 1.77
N ALA B 109 -26.17 32.18 1.34
CA ALA B 109 -26.56 32.09 -0.08
C ALA B 109 -26.14 33.34 -0.86
N GLU B 110 -26.19 34.51 -0.21
CA GLU B 110 -25.79 35.81 -0.78
C GLU B 110 -24.27 35.88 -0.92
N ASP B 111 -23.52 35.37 0.09
CA ASP B 111 -22.05 35.34 0.13
C ASP B 111 -21.48 34.51 -1.02
N LEU B 112 -22.13 33.37 -1.34
CA LEU B 112 -21.72 32.41 -2.37
C LEU B 112 -21.90 32.95 -3.81
N VAL B 113 -23.03 33.65 -4.11
CA VAL B 113 -23.32 34.22 -5.44
C VAL B 113 -22.22 35.25 -5.81
N LYS B 114 -21.75 36.03 -4.83
CA LYS B 114 -20.67 37.02 -5.00
C LYS B 114 -19.31 36.32 -5.15
N ALA B 115 -19.09 35.23 -4.38
CA ALA B 115 -17.86 34.45 -4.36
C ALA B 115 -17.63 33.64 -5.66
N LEU B 116 -18.66 32.93 -6.16
CA LEU B 116 -18.59 32.11 -7.37
C LEU B 116 -18.43 32.96 -8.65
N ARG B 117 -19.15 34.10 -8.73
CA ARG B 117 -19.12 34.99 -9.89
C ARG B 117 -17.85 35.89 -9.90
N SER B 118 -17.11 35.97 -8.77
CA SER B 118 -15.86 36.74 -8.66
C SER B 118 -14.74 36.07 -9.46
N GLU B 119 -13.71 36.84 -9.84
CA GLU B 119 -12.58 36.31 -10.63
C GLU B 119 -11.34 36.04 -9.74
N ILE B 120 -11.60 35.74 -8.44
CA ILE B 120 -10.60 35.36 -7.42
C ILE B 120 -10.84 33.86 -7.18
N ASP B 121 -9.96 33.02 -7.76
CA ASP B 121 -9.99 31.56 -7.75
C ASP B 121 -9.93 30.89 -6.34
N PRO B 122 -9.11 31.31 -5.34
CA PRO B 122 -9.17 30.62 -4.03
C PRO B 122 -10.52 30.78 -3.34
N LEU B 123 -11.16 31.96 -3.51
CA LEU B 123 -12.48 32.31 -3.00
C LEU B 123 -13.55 31.41 -3.62
N LYS B 124 -13.43 31.15 -4.95
CA LYS B 124 -14.34 30.30 -5.72
C LYS B 124 -14.26 28.85 -5.21
N VAL B 125 -13.04 28.34 -4.95
CA VAL B 125 -12.78 26.98 -4.45
C VAL B 125 -13.36 26.83 -3.03
N ALA B 126 -13.11 27.82 -2.16
CA ALA B 126 -13.62 27.87 -0.78
C ALA B 126 -15.15 27.95 -0.74
N ALA B 127 -15.76 28.59 -1.76
CA ALA B 127 -17.21 28.71 -1.90
C ALA B 127 -17.80 27.34 -2.20
N CYS B 128 -17.10 26.52 -3.04
CA CYS B 128 -17.49 25.17 -3.41
C CYS B 128 -17.51 24.26 -2.21
N ARG B 129 -16.62 24.52 -1.23
CA ARG B 129 -16.50 23.78 0.04
C ARG B 129 -17.74 23.97 0.92
N VAL B 130 -18.41 25.13 0.79
CA VAL B 130 -19.64 25.46 1.52
C VAL B 130 -20.82 24.76 0.83
N ILE B 131 -20.89 24.84 -0.52
CA ILE B 131 -21.94 24.21 -1.33
C ILE B 131 -21.79 22.68 -1.25
N GLU B 132 -20.53 22.19 -1.09
CA GLU B 132 -20.11 20.78 -0.98
C GLU B 132 -21.04 20.00 -0.04
N ASN B 133 -21.00 20.35 1.26
CA ASN B 133 -21.77 19.71 2.33
C ASN B 133 -22.92 20.64 2.79
N SER B 134 -23.90 20.91 1.90
CA SER B 134 -25.08 21.74 2.24
C SER B 134 -25.99 20.96 3.19
N GLN B 135 -26.51 21.63 4.23
CA GLN B 135 -27.38 20.95 5.18
C GLN B 135 -28.73 21.68 5.32
N PRO B 136 -29.86 21.10 4.81
CA PRO B 136 -29.98 19.80 4.10
C PRO B 136 -29.32 19.84 2.72
N LYS B 137 -29.13 18.67 2.08
CA LYS B 137 -28.47 18.58 0.77
C LYS B 137 -29.21 19.40 -0.35
N GLY B 138 -30.48 19.73 -0.12
CA GLY B 138 -31.28 20.56 -1.03
C GLY B 138 -31.59 21.92 -0.44
N LEU B 139 -30.53 22.62 0.01
CA LEU B 139 -30.60 23.93 0.65
C LEU B 139 -30.51 25.06 -0.39
N PHE B 140 -29.52 24.98 -1.30
CA PHE B 140 -29.31 26.00 -2.32
C PHE B 140 -30.01 25.64 -3.65
N ALA B 141 -31.14 24.88 -3.56
CA ALA B 141 -31.98 24.50 -4.71
C ALA B 141 -32.99 25.60 -5.01
N THR B 142 -33.27 26.45 -3.99
CA THR B 142 -34.16 27.62 -4.06
C THR B 142 -33.41 28.73 -4.83
N SER B 143 -32.12 28.95 -4.48
CA SER B 143 -31.21 29.90 -5.11
C SER B 143 -30.62 29.32 -6.40
N ASN B 144 -30.17 30.17 -7.33
CA ASN B 144 -29.60 29.70 -8.59
C ASN B 144 -28.06 29.53 -8.46
N ILE B 145 -27.58 29.07 -7.29
CA ILE B 145 -26.16 28.81 -7.02
C ILE B 145 -25.71 27.59 -7.87
N ILE B 146 -26.62 26.61 -8.05
CA ILE B 146 -26.44 25.40 -8.87
C ILE B 146 -26.18 25.80 -10.33
N ASP B 147 -26.90 26.83 -10.82
CA ASP B 147 -26.79 27.39 -12.17
C ASP B 147 -25.41 28.01 -12.40
N ILE B 148 -24.92 28.84 -11.43
CA ILE B 148 -23.62 29.51 -11.46
C ILE B 148 -22.51 28.47 -11.53
N LEU B 149 -22.57 27.44 -10.65
CA LEU B 149 -21.61 26.34 -10.57
C LEU B 149 -21.38 25.66 -11.93
N LEU B 150 -22.47 25.46 -12.72
CA LEU B 150 -22.40 24.85 -14.04
C LEU B 150 -21.72 25.76 -15.06
N ASP B 151 -22.01 27.08 -15.01
CA ASP B 151 -21.45 28.08 -15.91
C ASP B 151 -19.92 28.25 -15.73
N ILE B 152 -19.35 27.75 -14.61
CA ILE B 152 -17.91 27.79 -14.36
C ILE B 152 -17.31 26.47 -14.86
N LEU B 153 -18.02 25.35 -14.61
CA LEU B 153 -17.63 23.99 -14.98
C LEU B 153 -17.63 23.76 -16.48
N PHE B 154 -18.76 24.04 -17.16
CA PHE B 154 -18.89 23.86 -18.62
C PHE B 154 -18.36 25.07 -19.38
N ASP B 155 -17.29 25.69 -18.83
CA ASP B 155 -16.60 26.85 -19.37
C ASP B 155 -15.15 26.46 -19.65
N GLU B 156 -14.85 26.19 -20.93
CA GLU B 156 -13.53 25.78 -21.44
C GLU B 156 -12.44 26.81 -21.15
N LYS B 157 -12.82 28.07 -20.86
CA LYS B 157 -11.88 29.15 -20.50
C LYS B 157 -11.26 28.84 -19.14
N VAL B 158 -12.07 28.30 -18.18
CA VAL B 158 -11.61 27.91 -16.84
C VAL B 158 -10.79 26.62 -17.00
N GLU B 159 -9.52 26.64 -16.57
CA GLU B 159 -8.61 25.49 -16.67
C GLU B 159 -8.06 25.08 -15.30
N ASN B 160 -8.43 25.81 -14.22
CA ASN B 160 -8.02 25.57 -12.85
C ASN B 160 -8.60 24.23 -12.37
N ASP B 161 -7.80 23.17 -12.50
CA ASP B 161 -8.13 21.78 -12.14
C ASP B 161 -8.66 21.67 -10.70
N LYS B 162 -8.00 22.37 -9.74
CA LYS B 162 -8.39 22.40 -8.32
C LYS B 162 -9.82 22.89 -8.14
N LEU B 163 -10.20 23.93 -8.90
CA LEU B 163 -11.53 24.53 -8.90
C LEU B 163 -12.56 23.61 -9.55
N ILE B 164 -12.23 23.02 -10.73
CA ILE B 164 -13.12 22.11 -11.47
C ILE B 164 -13.45 20.89 -10.61
N THR B 165 -12.43 20.34 -9.90
CA THR B 165 -12.57 19.21 -8.98
C THR B 165 -13.51 19.58 -7.83
N ALA B 166 -13.38 20.82 -7.30
CA ALA B 166 -14.20 21.35 -6.20
C ALA B 166 -15.67 21.53 -6.59
N ILE B 167 -15.95 21.89 -7.87
CA ILE B 167 -17.31 22.07 -8.41
C ILE B 167 -17.96 20.69 -8.56
N GLU B 168 -17.18 19.70 -9.06
CA GLU B 168 -17.62 18.32 -9.26
C GLU B 168 -17.93 17.64 -7.91
N LYS B 169 -17.03 17.80 -6.91
CA LYS B 169 -17.14 17.25 -5.55
C LYS B 169 -18.43 17.70 -4.87
N ALA B 170 -18.79 18.98 -5.05
CA ALA B 170 -19.99 19.59 -4.53
C ALA B 170 -21.23 19.06 -5.25
N LEU B 171 -21.17 18.98 -6.60
CA LEU B 171 -22.25 18.50 -7.48
C LEU B 171 -22.63 17.07 -7.16
N GLU B 172 -21.62 16.17 -7.11
CA GLU B 172 -21.75 14.75 -6.81
C GLU B 172 -22.40 14.53 -5.43
N ARG B 173 -22.06 15.40 -4.45
CA ARG B 173 -22.58 15.35 -3.08
C ARG B 173 -24.02 15.86 -2.99
N LEU B 174 -24.34 16.99 -3.66
CA LEU B 174 -25.69 17.56 -3.63
C LEU B 174 -26.66 16.82 -4.54
N SER B 175 -26.16 16.06 -5.54
CA SER B 175 -26.98 15.28 -6.48
C SER B 175 -27.76 14.15 -5.77
N THR B 176 -27.44 13.88 -4.49
CA THR B 176 -28.11 12.88 -3.62
C THR B 176 -29.53 13.32 -3.26
N ASP B 177 -29.77 14.65 -3.32
CA ASP B 177 -31.04 15.31 -2.99
C ASP B 177 -31.97 15.43 -4.21
N GLU B 178 -33.29 15.44 -3.95
CA GLU B 178 -34.36 15.55 -4.93
C GLU B 178 -34.44 16.96 -5.53
N LEU B 179 -34.39 18.01 -4.67
CA LEU B 179 -34.45 19.43 -5.02
C LEU B 179 -33.32 19.87 -5.96
N ILE B 180 -32.12 19.26 -5.83
CA ILE B 180 -30.93 19.55 -6.61
C ILE B 180 -31.02 18.93 -8.01
N ARG B 181 -31.45 17.64 -8.11
CA ARG B 181 -31.59 16.89 -9.37
C ARG B 181 -32.61 17.54 -10.33
N ARG B 182 -33.69 18.12 -9.78
CA ARG B 182 -34.74 18.79 -10.55
C ARG B 182 -34.24 20.16 -11.07
N ARG B 183 -33.54 20.94 -10.22
CA ARG B 183 -32.94 22.25 -10.55
C ARG B 183 -31.82 22.05 -11.60
N LEU B 184 -31.08 20.93 -11.51
CA LEU B 184 -30.03 20.54 -12.45
C LEU B 184 -30.61 20.03 -13.76
N PHE B 185 -31.86 19.51 -13.76
CA PHE B 185 -32.45 18.96 -14.98
C PHE B 185 -33.75 19.68 -15.41
N ASP B 186 -33.75 21.04 -15.33
CA ASP B 186 -34.84 21.91 -15.77
C ASP B 186 -34.35 23.35 -15.89
N ASN B 187 -33.93 23.96 -14.76
CA ASN B 187 -33.43 25.33 -14.68
C ASN B 187 -32.08 25.48 -15.36
N ASN B 188 -31.35 24.37 -15.51
CA ASN B 188 -30.04 24.29 -16.16
C ASN B 188 -30.11 23.48 -17.45
N LEU B 189 -31.21 22.68 -17.63
CA LEU B 189 -31.49 21.79 -18.76
C LEU B 189 -31.16 22.39 -20.14
N PRO B 190 -31.52 23.65 -20.49
CA PRO B 190 -31.14 24.15 -21.82
C PRO B 190 -29.63 24.30 -21.95
N TYR B 191 -28.99 24.92 -20.93
CA TYR B 191 -27.54 25.15 -20.89
C TYR B 191 -26.76 23.83 -20.96
N LEU B 192 -27.37 22.72 -20.48
CA LEU B 192 -26.76 21.41 -20.53
C LEU B 192 -26.82 20.83 -21.94
N VAL B 193 -28.02 20.82 -22.56
CA VAL B 193 -28.25 20.28 -23.91
C VAL B 193 -27.49 21.15 -24.96
N SER B 194 -27.29 22.45 -24.67
CA SER B 194 -26.56 23.37 -25.55
C SER B 194 -25.11 22.89 -25.78
N VAL B 195 -24.39 22.56 -24.70
CA VAL B 195 -22.99 22.07 -24.73
C VAL B 195 -22.96 20.72 -25.46
N LYS B 196 -24.02 19.90 -25.27
CA LYS B 196 -24.21 18.59 -25.87
C LYS B 196 -24.28 18.68 -27.41
N GLY B 197 -25.04 19.65 -27.92
CA GLY B 197 -25.17 19.88 -29.36
C GLY B 197 -23.96 20.56 -29.95
N ARG B 198 -23.30 21.43 -29.15
CA ARG B 198 -22.09 22.18 -29.51
C ARG B 198 -20.93 21.21 -29.71
N MET B 199 -20.70 20.30 -28.72
CA MET B 199 -19.67 19.25 -28.68
C MET B 199 -18.25 19.84 -28.65
N GLU B 200 -17.96 20.72 -27.66
CA GLU B 200 -16.61 21.30 -27.55
C GLU B 200 -15.68 20.30 -26.87
N THR B 201 -14.59 19.94 -27.58
CA THR B 201 -13.55 18.97 -27.20
C THR B 201 -13.06 19.14 -25.73
N VAL B 202 -13.34 20.30 -25.07
CA VAL B 202 -12.96 20.56 -23.67
C VAL B 202 -14.20 20.45 -22.77
N SER B 203 -15.23 21.28 -23.01
CA SER B 203 -16.43 21.31 -22.19
C SER B 203 -17.31 20.08 -22.31
N PHE B 204 -17.44 19.49 -23.52
CA PHE B 204 -18.28 18.30 -23.76
C PHE B 204 -17.80 17.09 -22.97
N VAL B 205 -16.48 16.93 -22.80
CA VAL B 205 -15.88 15.82 -22.04
C VAL B 205 -16.30 15.96 -20.55
N ARG B 206 -16.53 17.20 -20.07
CA ARG B 206 -16.97 17.46 -18.69
C ARG B 206 -18.46 17.18 -18.51
N LEU B 207 -19.23 17.21 -19.61
CA LEU B 207 -20.67 16.91 -19.61
C LEU B 207 -20.89 15.42 -19.45
N ILE B 208 -19.94 14.62 -19.95
CA ILE B 208 -19.93 13.17 -19.90
C ILE B 208 -19.74 12.68 -18.46
N ASP B 209 -18.71 13.19 -17.74
CA ASP B 209 -18.41 12.83 -16.34
C ASP B 209 -19.50 13.33 -15.39
N PHE B 210 -20.17 14.45 -15.76
CA PHE B 210 -21.28 15.01 -14.99
C PHE B 210 -22.51 14.11 -15.07
N LEU B 211 -22.98 13.79 -16.30
CA LEU B 211 -24.17 12.97 -16.58
C LEU B 211 -24.06 11.54 -16.01
N THR B 212 -22.83 10.97 -15.98
CA THR B 212 -22.57 9.64 -15.44
C THR B 212 -22.86 9.66 -13.93
N ILE B 213 -22.32 10.67 -13.22
CA ILE B 213 -22.50 10.91 -11.80
C ILE B 213 -23.99 11.13 -11.51
N GLU B 214 -24.67 11.94 -12.36
CA GLU B 214 -26.09 12.25 -12.24
C GLU B 214 -26.99 11.03 -12.41
N PHE B 215 -26.66 10.10 -13.33
CA PHE B 215 -27.47 8.91 -13.59
C PHE B 215 -27.54 7.96 -12.37
N GLN B 216 -26.53 8.00 -11.48
CA GLN B 216 -26.49 7.18 -10.25
C GLN B 216 -27.64 7.49 -9.29
N PHE B 217 -28.23 8.71 -9.37
CA PHE B 217 -29.31 9.18 -8.50
C PHE B 217 -30.62 9.47 -9.26
N ILE B 218 -30.55 9.74 -10.59
CA ILE B 218 -31.70 10.07 -11.45
C ILE B 218 -32.65 8.89 -11.54
N SER B 219 -33.92 9.16 -11.18
CA SER B 219 -35.01 8.19 -11.19
C SER B 219 -35.59 8.03 -12.60
N GLY B 220 -36.52 7.07 -12.75
CA GLY B 220 -37.22 6.75 -13.99
C GLY B 220 -37.85 7.92 -14.74
N PRO B 221 -38.66 8.80 -14.07
CA PRO B 221 -39.26 9.93 -14.81
C PRO B 221 -38.28 11.07 -15.09
N GLU B 222 -37.39 11.39 -14.11
CA GLU B 222 -36.35 12.44 -14.13
C GLU B 222 -35.43 12.36 -15.37
N PHE B 223 -35.53 11.26 -16.13
CA PHE B 223 -34.75 11.01 -17.33
C PHE B 223 -35.24 11.90 -18.47
N LYS B 224 -34.32 12.71 -19.01
CA LYS B 224 -34.55 13.61 -20.14
C LYS B 224 -33.75 13.08 -21.34
N ASP B 225 -34.44 12.24 -22.15
CA ASP B 225 -33.98 11.51 -23.33
C ASP B 225 -32.86 12.20 -24.11
N ILE B 226 -32.98 13.52 -24.33
CA ILE B 226 -32.03 14.27 -25.12
C ILE B 226 -30.66 14.45 -24.42
N ILE B 227 -30.63 14.97 -23.18
CA ILE B 227 -29.39 15.24 -22.45
C ILE B 227 -28.61 13.94 -22.11
N PHE B 228 -29.32 12.82 -21.81
CA PHE B 228 -28.68 11.56 -21.45
C PHE B 228 -28.30 10.68 -22.65
N CYS B 229 -29.13 10.64 -23.70
CA CYS B 229 -28.86 9.78 -24.86
C CYS B 229 -28.35 10.57 -26.06
N PHE B 230 -27.31 10.02 -26.70
CA PHE B 230 -26.71 10.58 -27.90
C PHE B 230 -27.12 9.73 -29.09
N THR B 231 -27.59 10.40 -30.14
CA THR B 231 -28.05 9.79 -31.38
C THR B 231 -26.87 9.39 -32.26
N LYS B 232 -27.09 8.42 -33.19
CA LYS B 232 -26.12 7.85 -34.15
C LYS B 232 -25.21 8.93 -34.76
N GLU B 233 -25.81 10.05 -35.18
CA GLU B 233 -25.18 11.22 -35.80
C GLU B 233 -24.18 11.86 -34.86
N GLU B 234 -24.56 12.04 -33.59
CA GLU B 234 -23.71 12.65 -32.56
C GLU B 234 -22.49 11.78 -32.30
N ILE B 235 -22.64 10.45 -32.36
CA ILE B 235 -21.54 9.49 -32.18
C ILE B 235 -20.64 9.56 -33.42
N LEU B 236 -21.23 9.77 -34.60
CA LEU B 236 -20.48 9.93 -35.86
C LEU B 236 -19.76 11.28 -35.87
N LYS B 237 -20.31 12.26 -35.16
CA LYS B 237 -19.75 13.62 -35.03
C LYS B 237 -18.58 13.60 -34.04
N SER B 238 -18.65 12.74 -33.02
CA SER B 238 -17.58 12.63 -32.02
C SER B 238 -16.33 11.98 -32.62
N VAL B 239 -16.48 11.27 -33.76
CA VAL B 239 -15.41 10.57 -34.48
C VAL B 239 -14.28 11.56 -34.80
N GLU B 240 -14.63 12.80 -35.21
CA GLU B 240 -13.73 13.90 -35.57
C GLU B 240 -12.52 13.98 -34.62
N ASP B 241 -12.77 14.32 -33.34
CA ASP B 241 -11.76 14.39 -32.30
C ASP B 241 -11.87 13.12 -31.48
N ILE B 242 -10.99 12.15 -31.81
CA ILE B 242 -10.93 10.81 -31.24
C ILE B 242 -11.01 10.83 -29.68
N LEU B 243 -10.42 11.85 -29.02
CA LEU B 243 -10.43 12.02 -27.56
C LEU B 243 -11.86 11.98 -27.00
N VAL B 244 -12.80 12.68 -27.68
CA VAL B 244 -14.22 12.77 -27.32
C VAL B 244 -14.89 11.41 -27.50
N PHE B 245 -14.61 10.73 -28.63
CA PHE B 245 -15.17 9.43 -28.97
C PHE B 245 -14.88 8.42 -27.87
N ILE B 246 -13.63 8.36 -27.34
CA ILE B 246 -13.24 7.42 -26.29
C ILE B 246 -14.06 7.68 -25.01
N GLU B 247 -14.20 8.95 -24.56
CA GLU B 247 -14.99 9.26 -23.35
C GLU B 247 -16.49 9.05 -23.59
N LEU B 248 -16.96 9.21 -24.84
CA LEU B 248 -18.36 8.97 -25.23
C LEU B 248 -18.64 7.47 -25.21
N VAL B 249 -17.66 6.66 -25.68
CA VAL B 249 -17.68 5.19 -25.67
C VAL B 249 -17.69 4.78 -24.18
N ASN B 250 -16.81 5.42 -23.38
CA ASN B 250 -16.69 5.20 -21.94
C ASN B 250 -18.02 5.49 -21.24
N TYR B 251 -18.69 6.62 -21.61
CA TYR B 251 -19.98 7.03 -21.05
C TYR B 251 -21.03 5.91 -21.11
N TYR B 252 -21.13 5.23 -22.26
CA TYR B 252 -22.08 4.15 -22.46
C TYR B 252 -21.66 2.85 -21.76
N THR B 253 -20.34 2.62 -21.60
CA THR B 253 -19.82 1.45 -20.90
C THR B 253 -20.24 1.58 -19.42
N LYS B 254 -20.12 2.81 -18.87
CA LYS B 254 -20.50 3.20 -17.52
C LYS B 254 -22.02 3.05 -17.32
N PHE B 255 -22.80 3.40 -18.36
CA PHE B 255 -24.26 3.39 -18.37
C PHE B 255 -24.85 1.98 -18.25
N LEU B 256 -24.34 1.03 -19.05
CA LEU B 256 -24.81 -0.37 -19.05
C LEU B 256 -24.50 -1.07 -17.73
N LEU B 257 -23.46 -0.59 -17.01
CA LEU B 257 -23.02 -1.13 -15.73
C LEU B 257 -23.94 -0.67 -14.60
N GLU B 258 -24.39 0.60 -14.64
CA GLU B 258 -25.31 1.16 -13.64
C GLU B 258 -26.74 0.65 -13.87
N ILE B 259 -26.96 -0.01 -15.02
CA ILE B 259 -28.23 -0.62 -15.40
C ILE B 259 -28.38 -1.96 -14.64
N ARG B 260 -27.31 -2.76 -14.55
CA ARG B 260 -27.31 -4.08 -13.90
C ARG B 260 -27.02 -4.02 -12.39
N ASN B 261 -26.31 -2.96 -11.94
CA ASN B 261 -25.92 -2.75 -10.52
C ASN B 261 -27.02 -2.07 -9.72
N GLN B 262 -27.60 -0.98 -10.25
CA GLN B 262 -28.70 -0.27 -9.58
C GLN B 262 -30.03 -0.88 -9.98
N ASP B 263 -30.01 -1.78 -10.99
CA ASP B 263 -31.15 -2.51 -11.58
C ASP B 263 -32.16 -1.49 -12.17
N LYS B 264 -31.62 -0.48 -12.88
CA LYS B 264 -32.36 0.57 -13.58
C LYS B 264 -32.55 0.12 -15.05
N TYR B 265 -33.35 -0.95 -15.23
CA TYR B 265 -33.64 -1.59 -16.53
C TYR B 265 -34.57 -0.75 -17.42
N TRP B 266 -35.12 0.36 -16.88
CA TRP B 266 -35.96 1.29 -17.63
C TRP B 266 -35.08 2.13 -18.57
N ALA B 267 -33.79 2.28 -18.23
CA ALA B 267 -32.79 3.04 -18.98
C ALA B 267 -32.24 2.25 -20.20
N LEU B 268 -32.55 0.93 -20.29
CA LEU B 268 -32.12 0.03 -21.38
C LEU B 268 -32.76 0.42 -22.71
N ARG B 269 -34.09 0.67 -22.72
CA ARG B 269 -34.87 1.05 -23.90
C ARG B 269 -34.35 2.33 -24.53
N HIS B 270 -33.92 3.29 -23.69
CA HIS B 270 -33.41 4.61 -24.08
C HIS B 270 -32.12 4.54 -24.91
N VAL B 271 -31.19 3.64 -24.55
CA VAL B 271 -29.93 3.49 -25.29
C VAL B 271 -30.19 2.47 -26.41
N LYS B 272 -30.30 1.17 -26.05
CA LYS B 272 -30.59 0.00 -26.87
C LYS B 272 -30.06 0.06 -28.33
N LYS B 273 -30.81 0.71 -29.24
CA LYS B 273 -30.54 0.80 -30.69
C LYS B 273 -29.35 1.69 -31.09
N ILE B 274 -28.86 2.59 -30.21
CA ILE B 274 -27.73 3.46 -30.58
C ILE B 274 -26.38 2.74 -30.32
N LEU B 275 -26.40 1.59 -29.63
CA LEU B 275 -25.21 0.77 -29.33
C LEU B 275 -24.64 0.12 -30.62
N PRO B 276 -25.44 -0.56 -31.51
CA PRO B 276 -24.85 -1.18 -32.73
C PRO B 276 -24.04 -0.22 -33.62
N VAL B 277 -24.17 1.10 -33.40
CA VAL B 277 -23.42 2.13 -34.14
C VAL B 277 -21.94 1.97 -33.80
N PHE B 278 -21.63 1.68 -32.52
CA PHE B 278 -20.26 1.44 -32.04
C PHE B 278 -19.70 0.16 -32.65
N ALA B 279 -20.56 -0.86 -32.86
CA ALA B 279 -20.18 -2.13 -33.46
C ALA B 279 -19.80 -1.94 -34.93
N GLN B 280 -20.53 -1.06 -35.65
CA GLN B 280 -20.27 -0.74 -37.06
C GLN B 280 -18.88 -0.11 -37.22
N LEU B 281 -18.59 0.95 -36.43
CA LEU B 281 -17.33 1.71 -36.41
C LEU B 281 -16.14 0.80 -36.09
N PHE B 282 -16.36 -0.23 -35.26
CA PHE B 282 -15.36 -1.21 -34.88
C PHE B 282 -15.03 -2.15 -36.06
N GLU B 283 -16.04 -2.49 -36.89
CA GLU B 283 -15.84 -3.37 -38.04
C GLU B 283 -15.12 -2.63 -39.15
N ASP B 284 -15.58 -1.41 -39.48
CA ASP B 284 -15.00 -0.56 -40.51
C ASP B 284 -13.60 -0.12 -40.10
N THR B 285 -12.64 -0.38 -40.99
CA THR B 285 -11.23 -0.04 -40.82
C THR B 285 -10.79 0.83 -41.99
N GLU B 286 -11.51 0.72 -43.13
CA GLU B 286 -11.27 1.47 -44.36
C GLU B 286 -11.68 2.95 -44.19
N ASN B 287 -12.89 3.18 -43.65
CA ASN B 287 -13.44 4.53 -43.46
C ASN B 287 -13.06 5.11 -42.10
N TYR B 288 -13.17 4.32 -41.03
CA TYR B 288 -12.85 4.76 -39.67
C TYR B 288 -11.66 3.93 -39.14
N PRO B 289 -10.41 4.36 -39.43
CA PRO B 289 -9.24 3.57 -39.00
C PRO B 289 -8.74 3.90 -37.60
N ASP B 290 -8.93 5.15 -37.14
CA ASP B 290 -8.47 5.61 -35.82
C ASP B 290 -9.27 4.99 -34.68
N VAL B 291 -10.51 4.55 -34.97
CA VAL B 291 -11.42 3.90 -34.02
C VAL B 291 -10.77 2.60 -33.53
N ARG B 292 -10.28 1.76 -34.46
CA ARG B 292 -9.64 0.48 -34.15
C ARG B 292 -8.16 0.59 -33.75
N ALA B 293 -7.61 1.81 -33.70
CA ALA B 293 -6.22 2.03 -33.33
C ALA B 293 -6.08 2.89 -32.07
N PHE B 294 -7.16 3.55 -31.62
CA PHE B 294 -7.13 4.41 -30.44
C PHE B 294 -8.21 4.07 -29.39
N SER B 295 -9.12 3.14 -29.67
CA SER B 295 -10.18 2.78 -28.72
C SER B 295 -10.58 1.29 -28.81
N THR B 296 -9.68 0.44 -29.36
CA THR B 296 -9.89 -1.00 -29.53
C THR B 296 -10.24 -1.66 -28.20
N ASN B 297 -9.37 -1.46 -27.18
CA ASN B 297 -9.52 -1.98 -25.82
C ASN B 297 -10.75 -1.40 -25.13
N CYS B 298 -10.98 -0.08 -25.30
CA CYS B 298 -12.08 0.67 -24.70
C CYS B 298 -13.43 0.19 -25.24
N LEU B 299 -13.55 0.01 -26.57
CA LEU B 299 -14.79 -0.46 -27.21
C LEU B 299 -15.07 -1.92 -26.83
N LEU B 300 -14.00 -2.74 -26.70
CA LEU B 300 -14.09 -4.14 -26.28
C LEU B 300 -14.83 -4.25 -24.96
N GLN B 301 -14.46 -3.38 -23.99
CA GLN B 301 -15.06 -3.30 -22.66
C GLN B 301 -16.55 -2.94 -22.75
N LEU B 302 -16.93 -2.11 -23.74
CA LEU B 302 -18.31 -1.72 -23.96
C LEU B 302 -19.14 -2.93 -24.43
N PHE B 303 -18.61 -3.71 -25.40
CA PHE B 303 -19.30 -4.89 -25.96
C PHE B 303 -19.59 -5.95 -24.89
N ALA B 304 -18.67 -6.14 -23.93
CA ALA B 304 -18.79 -7.11 -22.83
C ALA B 304 -20.04 -6.84 -21.98
N GLU B 305 -20.39 -5.56 -21.79
CA GLU B 305 -21.56 -5.15 -21.03
C GLU B 305 -22.84 -5.37 -21.82
N VAL B 306 -22.77 -5.29 -23.15
CA VAL B 306 -23.91 -5.49 -24.05
C VAL B 306 -24.34 -6.97 -23.98
N SER B 307 -23.37 -7.88 -23.93
CA SER B 307 -23.62 -9.31 -23.83
C SER B 307 -24.17 -9.68 -22.45
N ARG B 308 -23.76 -8.91 -21.42
CA ARG B 308 -24.15 -9.13 -20.02
C ARG B 308 -25.50 -8.51 -19.63
N ILE B 309 -25.99 -7.46 -20.35
CA ILE B 309 -27.25 -6.80 -20.00
C ILE B 309 -28.46 -7.72 -20.22
N GLU B 310 -29.52 -7.48 -19.41
CA GLU B 310 -30.77 -8.22 -19.32
C GLU B 310 -31.58 -8.18 -20.61
N GLU B 311 -31.54 -9.32 -21.36
CA GLU B 311 -32.26 -9.53 -22.61
C GLU B 311 -32.56 -11.01 -22.78
N ASP B 312 -33.74 -11.32 -23.35
CA ASP B 312 -34.19 -12.69 -23.56
C ASP B 312 -34.23 -13.04 -25.06
N GLU B 313 -33.22 -13.79 -25.57
CA GLU B 313 -32.05 -14.23 -24.81
C GLU B 313 -30.83 -13.93 -25.65
N TYR B 314 -30.21 -12.77 -25.37
CA TYR B 314 -29.02 -12.20 -26.01
C TYR B 314 -29.26 -12.07 -27.52
N SER B 315 -29.97 -10.99 -27.90
CA SER B 315 -30.34 -10.68 -29.28
C SER B 315 -29.64 -9.42 -29.78
N LEU B 316 -29.67 -8.32 -28.98
CA LEU B 316 -29.05 -7.03 -29.31
C LEU B 316 -27.56 -7.22 -29.55
N PHE B 317 -26.90 -8.02 -28.70
CA PHE B 317 -25.49 -8.32 -28.83
C PHE B 317 -25.26 -9.33 -29.95
N LYS B 318 -26.20 -10.30 -30.10
CA LYS B 318 -26.16 -11.34 -31.13
C LYS B 318 -26.19 -10.73 -32.52
N THR B 319 -26.97 -9.65 -32.71
CA THR B 319 -27.11 -8.90 -33.97
C THR B 319 -25.78 -8.17 -34.25
N MET B 320 -25.19 -7.55 -33.21
CA MET B 320 -23.91 -6.84 -33.28
C MET B 320 -22.78 -7.79 -33.64
N ASP B 321 -22.85 -9.03 -33.12
CA ASP B 321 -21.87 -10.09 -33.33
C ASP B 321 -21.95 -10.65 -34.76
N LYS B 322 -23.15 -11.03 -35.21
CA LYS B 322 -23.38 -11.64 -36.53
C LYS B 322 -23.15 -10.67 -37.71
N ASP B 323 -23.53 -9.39 -37.55
CA ASP B 323 -23.41 -8.42 -38.62
C ASP B 323 -22.04 -7.73 -38.66
N SER B 324 -21.64 -7.09 -37.55
CA SER B 324 -20.38 -6.33 -37.48
C SER B 324 -19.24 -7.15 -36.80
N LEU B 325 -19.11 -7.06 -35.44
CA LEU B 325 -18.09 -7.65 -34.57
C LEU B 325 -17.39 -8.93 -35.10
N LYS B 326 -18.14 -10.04 -35.29
CA LYS B 326 -17.69 -11.35 -35.79
C LYS B 326 -16.71 -12.01 -34.80
N ILE B 327 -17.25 -12.61 -33.71
CA ILE B 327 -16.48 -13.31 -32.68
C ILE B 327 -15.87 -14.54 -33.35
N GLY B 328 -14.55 -14.64 -33.24
CA GLY B 328 -13.76 -15.64 -33.93
C GLY B 328 -13.27 -14.93 -35.16
N SER B 329 -13.18 -15.66 -36.31
CA SER B 329 -12.75 -15.15 -37.64
C SER B 329 -11.44 -14.34 -37.56
N GLU B 330 -11.48 -13.15 -36.93
CA GLU B 330 -10.34 -12.26 -36.70
C GLU B 330 -9.44 -12.91 -35.64
N ALA B 331 -8.34 -13.52 -36.09
CA ALA B 331 -7.38 -14.27 -35.27
C ALA B 331 -6.83 -13.47 -34.08
N LYS B 332 -6.33 -12.24 -34.33
CA LYS B 332 -5.73 -11.38 -33.31
C LYS B 332 -6.74 -10.83 -32.26
N LEU B 333 -8.02 -11.23 -32.38
CA LEU B 333 -9.07 -10.77 -31.46
C LEU B 333 -9.62 -11.89 -30.59
N ILE B 334 -9.50 -13.17 -31.03
CA ILE B 334 -10.02 -14.36 -30.33
C ILE B 334 -9.61 -14.36 -28.84
N THR B 335 -8.36 -13.94 -28.54
CA THR B 335 -7.84 -13.84 -27.17
C THR B 335 -8.77 -12.99 -26.33
N GLU B 336 -8.92 -11.71 -26.71
CA GLU B 336 -9.73 -10.70 -26.05
C GLU B 336 -11.21 -11.07 -25.92
N TRP B 337 -11.81 -11.71 -26.95
CA TRP B 337 -13.23 -12.10 -26.89
C TRP B 337 -13.43 -13.11 -25.76
N LEU B 338 -12.50 -14.06 -25.63
CA LEU B 338 -12.54 -15.07 -24.57
C LEU B 338 -12.03 -14.48 -23.24
N GLU B 339 -11.49 -13.24 -23.29
CA GLU B 339 -10.95 -12.53 -22.13
C GLU B 339 -11.94 -11.49 -21.59
N LEU B 340 -12.93 -11.05 -22.40
CA LEU B 340 -13.83 -9.99 -21.96
C LEU B 340 -15.33 -10.32 -22.06
N ILE B 341 -15.79 -10.92 -23.19
CA ILE B 341 -17.21 -11.23 -23.45
C ILE B 341 -17.79 -12.15 -22.38
N ASN B 342 -19.10 -11.99 -22.09
CA ASN B 342 -19.85 -12.80 -21.14
C ASN B 342 -19.73 -14.28 -21.50
N PRO B 343 -19.25 -15.13 -20.55
CA PRO B 343 -19.08 -16.56 -20.86
C PRO B 343 -20.41 -17.27 -21.12
N GLN B 344 -21.51 -16.79 -20.47
CA GLN B 344 -22.86 -17.33 -20.63
C GLN B 344 -23.31 -17.21 -22.08
N TYR B 345 -22.79 -16.20 -22.81
CA TYR B 345 -23.05 -16.02 -24.24
C TYR B 345 -22.09 -16.90 -25.03
N LEU B 346 -20.80 -16.90 -24.65
CA LEU B 346 -19.72 -17.66 -25.27
C LEU B 346 -19.95 -19.17 -25.26
N VAL B 347 -20.66 -19.69 -24.25
CA VAL B 347 -20.93 -21.13 -24.14
C VAL B 347 -22.06 -21.54 -25.10
N LYS B 348 -23.18 -20.77 -25.10
CA LYS B 348 -24.37 -21.02 -25.90
C LYS B 348 -24.18 -20.83 -27.41
N TYR B 349 -23.20 -20.02 -27.84
CA TYR B 349 -23.05 -19.76 -29.27
C TYR B 349 -21.63 -19.98 -29.84
N HIS B 350 -20.57 -19.88 -29.01
CA HIS B 350 -19.19 -20.03 -29.51
C HIS B 350 -18.40 -21.09 -28.72
N LYS B 351 -19.06 -22.20 -28.35
CA LYS B 351 -18.49 -23.33 -27.60
C LYS B 351 -17.17 -23.84 -28.21
N ASP B 352 -17.12 -23.94 -29.55
CA ASP B 352 -15.95 -24.40 -30.32
C ASP B 352 -14.72 -23.52 -30.09
N VAL B 353 -14.92 -22.18 -30.11
CA VAL B 353 -13.90 -21.14 -29.95
C VAL B 353 -13.21 -21.31 -28.58
N VAL B 354 -14.03 -21.52 -27.53
CA VAL B 354 -13.60 -21.71 -26.14
C VAL B 354 -12.69 -22.95 -26.05
N GLU B 355 -13.07 -24.04 -26.71
CA GLU B 355 -12.32 -25.30 -26.71
C GLU B 355 -11.07 -25.23 -27.58
N ASN B 356 -11.13 -24.49 -28.69
CA ASN B 356 -10.02 -24.42 -29.63
C ASN B 356 -9.33 -23.05 -29.62
N TYR B 357 -8.71 -22.74 -28.47
CA TYR B 357 -7.91 -21.53 -28.21
C TYR B 357 -7.48 -21.46 -26.73
N PHE B 358 -8.44 -21.45 -25.79
CA PHE B 358 -8.13 -21.36 -24.37
C PHE B 358 -7.64 -22.69 -23.84
N HIS B 359 -6.46 -22.64 -23.22
CA HIS B 359 -5.81 -23.78 -22.58
C HIS B 359 -5.09 -23.25 -21.33
N VAL B 360 -4.64 -24.14 -20.42
CA VAL B 360 -3.99 -23.73 -19.16
C VAL B 360 -2.74 -22.93 -19.53
N SER B 361 -2.86 -21.59 -19.44
CA SER B 361 -1.77 -20.75 -19.86
C SER B 361 -1.60 -19.52 -19.00
N GLY B 362 -0.34 -19.12 -18.86
CA GLY B 362 0.07 -17.93 -18.13
C GLY B 362 0.06 -16.75 -19.08
N TYR B 363 -1.15 -16.39 -19.56
CA TYR B 363 -1.44 -15.29 -20.50
C TYR B 363 -1.27 -13.85 -19.92
N SER B 364 -1.42 -13.62 -18.59
CA SER B 364 -1.69 -14.58 -17.52
C SER B 364 -3.10 -14.51 -17.00
N ILE B 365 -3.67 -15.70 -16.66
CA ILE B 365 -5.02 -15.91 -16.08
C ILE B 365 -6.15 -15.25 -16.92
N GLY B 366 -5.75 -14.54 -17.98
CA GLY B 366 -6.63 -13.79 -18.87
C GLY B 366 -7.94 -14.45 -19.20
N MET B 367 -7.88 -15.40 -20.13
CA MET B 367 -9.02 -16.16 -20.63
C MET B 367 -9.76 -16.90 -19.49
N LEU B 368 -8.99 -17.58 -18.60
CA LEU B 368 -9.50 -18.39 -17.49
C LEU B 368 -10.38 -17.61 -16.51
N ARG B 369 -9.91 -16.44 -16.02
CA ARG B 369 -10.67 -15.62 -15.08
C ARG B 369 -12.08 -15.29 -15.58
N ASN B 370 -12.24 -15.06 -16.92
CA ASN B 370 -13.48 -14.67 -17.58
C ASN B 370 -14.44 -15.84 -17.88
N LEU B 371 -13.92 -16.95 -18.45
CA LEU B 371 -14.75 -18.11 -18.83
C LEU B 371 -15.27 -18.91 -17.62
N SER B 372 -14.58 -18.82 -16.48
CA SER B 372 -14.87 -19.54 -15.24
C SER B 372 -16.18 -19.15 -14.55
N ALA B 373 -16.71 -17.94 -14.83
CA ALA B 373 -17.95 -17.38 -14.26
C ALA B 373 -19.19 -18.30 -14.42
N ASP B 374 -19.24 -19.12 -15.48
CA ASP B 374 -20.35 -20.04 -15.73
C ASP B 374 -19.87 -21.49 -15.67
N GLU B 375 -20.67 -22.36 -15.02
CA GLU B 375 -20.37 -23.78 -14.86
C GLU B 375 -20.31 -24.49 -16.21
N GLU B 376 -21.32 -24.26 -17.07
CA GLU B 376 -21.43 -24.86 -18.40
C GLU B 376 -20.19 -24.54 -19.24
N CYS B 377 -19.70 -23.29 -19.16
CA CYS B 377 -18.51 -22.82 -19.87
C CYS B 377 -17.26 -23.50 -19.33
N PHE B 378 -17.14 -23.58 -17.98
CA PHE B 378 -16.00 -24.21 -17.31
C PHE B 378 -15.95 -25.71 -17.60
N ASN B 379 -17.12 -26.35 -17.72
CA ASN B 379 -17.24 -27.78 -18.02
C ASN B 379 -16.76 -28.08 -19.43
N ALA B 380 -16.89 -27.11 -20.35
CA ALA B 380 -16.46 -27.25 -21.74
C ALA B 380 -14.94 -27.24 -21.87
N ILE B 381 -14.23 -26.75 -20.82
CA ILE B 381 -12.77 -26.67 -20.81
C ILE B 381 -12.15 -27.50 -19.67
N ARG B 382 -12.88 -28.50 -19.15
CA ARG B 382 -12.37 -29.44 -18.14
C ARG B 382 -11.31 -30.34 -18.77
N ASN B 383 -11.56 -30.78 -20.02
CA ASN B 383 -10.68 -31.64 -20.81
C ASN B 383 -9.37 -30.93 -21.16
N LYS B 384 -9.46 -29.70 -21.70
CA LYS B 384 -8.35 -28.84 -22.10
C LYS B 384 -7.48 -28.47 -20.88
N PHE B 385 -8.04 -28.66 -19.68
CA PHE B 385 -7.40 -28.46 -18.40
C PHE B 385 -6.76 -29.75 -17.93
N SER B 386 -5.53 -29.67 -17.42
CA SER B 386 -4.76 -30.81 -16.92
C SER B 386 -3.77 -30.36 -15.86
N ALA B 387 -3.60 -31.20 -14.83
CA ALA B 387 -2.72 -30.99 -13.68
C ALA B 387 -1.27 -30.68 -14.09
N GLU B 388 -0.70 -31.49 -15.00
CA GLU B 388 0.67 -31.38 -15.48
C GLU B 388 1.00 -30.00 -16.07
N ILE B 389 0.02 -29.33 -16.72
CA ILE B 389 0.22 -28.01 -17.34
C ILE B 389 0.43 -26.93 -16.28
N VAL B 390 -0.40 -26.94 -15.23
CA VAL B 390 -0.37 -25.96 -14.13
C VAL B 390 0.97 -26.01 -13.41
N LEU B 391 1.52 -27.23 -13.23
CA LEU B 391 2.79 -27.50 -12.56
C LEU B 391 3.97 -26.81 -13.23
N ARG B 392 3.94 -26.75 -14.57
CA ARG B 392 5.00 -26.19 -15.38
C ARG B 392 4.94 -24.65 -15.46
N LEU B 393 3.86 -24.03 -14.92
CA LEU B 393 3.69 -22.58 -14.88
C LEU B 393 4.52 -21.97 -13.72
N PRO B 394 4.98 -20.69 -13.79
CA PRO B 394 5.72 -20.11 -12.65
C PRO B 394 4.82 -19.95 -11.44
N TYR B 395 5.37 -20.14 -10.24
CA TYR B 395 4.67 -20.10 -8.95
C TYR B 395 3.81 -18.85 -8.73
N LEU B 396 4.31 -17.66 -9.13
CA LEU B 396 3.57 -16.40 -9.03
C LEU B 396 2.25 -16.54 -9.78
N GLU B 397 2.33 -17.01 -11.04
CA GLU B 397 1.21 -17.26 -11.94
C GLU B 397 0.39 -18.45 -11.44
N GLN B 398 1.08 -19.54 -11.02
CA GLN B 398 0.51 -20.79 -10.52
C GLN B 398 -0.53 -20.50 -9.44
N MET B 399 -0.17 -19.67 -8.44
CA MET B 399 -1.05 -19.28 -7.34
C MET B 399 -2.28 -18.50 -7.84
N GLN B 400 -2.08 -17.63 -8.86
CA GLN B 400 -3.14 -16.82 -9.46
C GLN B 400 -4.21 -17.70 -10.13
N VAL B 401 -3.75 -18.79 -10.80
CA VAL B 401 -4.60 -19.77 -11.47
C VAL B 401 -5.47 -20.46 -10.41
N VAL B 402 -4.83 -20.86 -9.28
CA VAL B 402 -5.46 -21.54 -8.15
C VAL B 402 -6.50 -20.62 -7.50
N GLU B 403 -6.11 -19.38 -7.14
CA GLU B 403 -6.98 -18.38 -6.50
C GLU B 403 -8.30 -18.23 -7.24
N THR B 404 -8.26 -18.32 -8.57
CA THR B 404 -9.42 -18.24 -9.46
C THR B 404 -10.28 -19.51 -9.27
N LEU B 405 -9.65 -20.69 -9.37
CA LEU B 405 -10.31 -22.00 -9.25
C LEU B 405 -10.84 -22.28 -7.83
N THR B 406 -10.48 -21.45 -6.84
CA THR B 406 -10.94 -21.62 -5.45
C THR B 406 -12.15 -20.75 -5.16
N ARG B 407 -12.45 -19.79 -6.07
CA ARG B 407 -13.58 -18.86 -5.91
C ARG B 407 -14.92 -19.61 -5.92
N TYR B 408 -15.35 -20.10 -7.10
CA TYR B 408 -16.61 -20.80 -7.29
C TYR B 408 -16.47 -22.26 -6.83
N GLU B 409 -17.59 -22.84 -6.42
CA GLU B 409 -17.72 -24.19 -5.87
C GLU B 409 -17.43 -25.30 -6.89
N TYR B 410 -17.88 -25.16 -8.15
CA TYR B 410 -17.67 -26.19 -9.18
C TYR B 410 -16.21 -26.28 -9.62
N THR B 411 -15.44 -25.18 -9.47
CA THR B 411 -14.02 -25.15 -9.82
C THR B 411 -13.20 -25.83 -8.71
N SER B 412 -13.72 -25.84 -7.46
CA SER B 412 -13.09 -26.49 -6.31
C SER B 412 -13.12 -28.00 -6.49
N LYS B 413 -14.26 -28.49 -7.00
CA LYS B 413 -14.55 -29.90 -7.33
C LYS B 413 -13.50 -30.43 -8.32
N PHE B 414 -13.07 -29.56 -9.25
CA PHE B 414 -12.09 -29.88 -10.28
C PHE B 414 -10.64 -29.68 -9.80
N LEU B 415 -10.42 -28.89 -8.74
CA LEU B 415 -9.07 -28.63 -8.25
C LEU B 415 -8.69 -29.59 -7.11
N LEU B 416 -9.57 -29.75 -6.11
CA LEU B 416 -9.33 -30.60 -4.94
C LEU B 416 -9.14 -32.08 -5.27
N ASN B 417 -9.99 -32.63 -6.15
CA ASN B 417 -10.01 -34.06 -6.45
C ASN B 417 -9.37 -34.43 -7.79
N GLU B 418 -9.68 -33.69 -8.87
CA GLU B 418 -9.17 -34.03 -10.20
C GLU B 418 -7.67 -33.75 -10.35
N MET B 419 -7.20 -32.56 -9.92
CA MET B 419 -5.79 -32.19 -10.03
C MET B 419 -5.19 -32.17 -8.62
N PRO B 420 -4.62 -33.30 -8.16
CA PRO B 420 -4.09 -33.33 -6.79
C PRO B 420 -2.76 -32.61 -6.66
N LYS B 421 -1.92 -32.72 -7.70
CA LYS B 421 -0.58 -32.14 -7.82
C LYS B 421 -0.60 -30.63 -7.63
N VAL B 422 -1.66 -29.97 -8.12
CA VAL B 422 -1.87 -28.52 -8.03
C VAL B 422 -2.16 -28.15 -6.57
N MET B 423 -3.25 -28.72 -5.98
CA MET B 423 -3.69 -28.50 -4.59
C MET B 423 -2.58 -28.73 -3.56
N GLY B 424 -1.67 -29.64 -3.89
CA GLY B 424 -0.52 -29.96 -3.05
C GLY B 424 0.53 -28.87 -3.08
N SER B 425 0.92 -28.46 -4.31
CA SER B 425 1.92 -27.41 -4.52
C SER B 425 1.44 -26.09 -3.91
N LEU B 426 0.13 -25.96 -3.64
CA LEU B 426 -0.49 -24.79 -3.01
C LEU B 426 -0.09 -24.71 -1.53
N ILE B 427 -0.14 -25.86 -0.81
CA ILE B 427 0.21 -25.98 0.61
C ILE B 427 1.67 -25.55 0.81
N GLY B 428 2.54 -26.03 -0.07
CA GLY B 428 3.96 -25.70 -0.02
C GLY B 428 4.80 -26.93 0.24
N ASP B 429 5.97 -26.95 -0.41
CA ASP B 429 6.96 -28.03 -0.33
C ASP B 429 7.79 -28.02 1.01
N GLY B 430 8.28 -26.87 1.54
CA GLY B 430 8.18 -25.49 1.06
C GLY B 430 9.25 -25.09 0.07
N SER B 431 8.81 -24.73 -1.17
CA SER B 431 9.67 -24.32 -2.28
C SER B 431 9.66 -22.77 -2.45
N ALA B 432 9.49 -22.03 -1.32
CA ALA B 432 9.46 -20.57 -1.28
C ALA B 432 10.75 -20.01 -0.65
N ASP B 437 8.77 -13.36 -3.14
CA ASP B 437 7.80 -12.38 -3.64
C ASP B 437 6.70 -12.14 -2.59
N LEU B 438 5.94 -11.04 -2.72
CA LEU B 438 4.85 -10.68 -1.81
C LEU B 438 3.50 -10.52 -2.52
N GLU B 439 3.51 -10.29 -3.85
CA GLU B 439 2.28 -10.19 -4.64
C GLU B 439 1.62 -11.57 -4.66
N THR B 440 2.43 -12.62 -4.91
CA THR B 440 2.05 -14.02 -4.95
C THR B 440 1.37 -14.43 -3.63
N VAL B 441 1.88 -13.90 -2.50
CA VAL B 441 1.41 -14.18 -1.14
C VAL B 441 -0.09 -13.86 -1.01
N HIS B 442 -0.54 -12.71 -1.55
CA HIS B 442 -1.95 -12.32 -1.50
C HIS B 442 -2.84 -13.42 -2.11
N TYR B 443 -2.45 -13.94 -3.29
CA TYR B 443 -3.19 -14.95 -4.05
C TYR B 443 -3.29 -16.30 -3.32
N ARG B 444 -2.25 -16.73 -2.59
CA ARG B 444 -2.27 -17.99 -1.86
C ARG B 444 -3.23 -17.87 -0.65
N ASN B 445 -3.01 -16.84 0.20
CA ASN B 445 -3.77 -16.52 1.42
C ASN B 445 -5.27 -16.26 1.15
N SER B 446 -5.62 -15.96 -0.11
CA SER B 446 -7.01 -15.77 -0.51
C SER B 446 -7.61 -17.13 -0.83
N ALA B 447 -6.87 -17.97 -1.58
CA ALA B 447 -7.25 -19.33 -2.00
C ALA B 447 -7.42 -20.24 -0.78
N LEU B 448 -6.52 -20.11 0.20
CA LEU B 448 -6.58 -20.88 1.44
C LEU B 448 -7.80 -20.46 2.26
N ARG B 449 -8.14 -19.15 2.23
CA ARG B 449 -9.31 -18.57 2.90
C ARG B 449 -10.59 -19.07 2.23
N ASN B 450 -10.53 -19.35 0.91
CA ASN B 450 -11.64 -19.88 0.12
C ASN B 450 -11.87 -21.36 0.40
N LEU B 451 -10.80 -22.16 0.45
CA LEU B 451 -10.85 -23.59 0.67
C LEU B 451 -11.34 -23.96 2.07
N LEU B 452 -10.83 -23.28 3.11
CA LEU B 452 -11.21 -23.55 4.50
C LEU B 452 -12.68 -23.22 4.78
N ASP B 453 -13.28 -22.29 4.00
CA ASP B 453 -14.68 -21.88 4.16
C ASP B 453 -15.68 -22.94 3.64
N LYS B 454 -15.17 -23.97 2.95
CA LYS B 454 -15.98 -25.07 2.41
C LYS B 454 -16.34 -26.11 3.48
N GLY B 455 -15.60 -26.12 4.59
CA GLY B 455 -15.81 -27.05 5.70
C GLY B 455 -14.94 -28.29 5.58
N GLU B 456 -14.74 -28.99 6.72
CA GLU B 456 -13.93 -30.22 6.82
C GLU B 456 -14.47 -31.33 5.91
N GLU B 457 -15.82 -31.47 5.87
CA GLU B 457 -16.54 -32.45 5.06
C GLU B 457 -16.22 -32.31 3.56
N LYS B 458 -16.20 -31.06 3.04
CA LYS B 458 -15.92 -30.78 1.64
C LYS B 458 -14.41 -30.92 1.33
N LEU B 459 -13.55 -30.40 2.22
CA LEU B 459 -12.09 -30.40 2.05
C LEU B 459 -11.49 -31.80 2.04
N SER B 460 -12.11 -32.74 2.78
CA SER B 460 -11.71 -34.15 2.90
C SER B 460 -10.29 -34.28 3.49
N VAL B 461 -9.30 -34.80 2.70
CA VAL B 461 -7.90 -35.04 3.11
C VAL B 461 -7.02 -33.77 2.97
N TRP B 462 -7.64 -32.58 3.04
CA TRP B 462 -6.92 -31.32 2.91
C TRP B 462 -7.23 -30.34 4.05
N TYR B 463 -8.27 -30.63 4.90
CA TYR B 463 -8.65 -29.74 6.01
C TYR B 463 -7.49 -29.48 6.98
N GLU B 464 -6.71 -30.52 7.30
CA GLU B 464 -5.59 -30.41 8.23
C GLU B 464 -4.39 -29.66 7.57
N PRO B 465 -3.84 -30.03 6.37
CA PRO B 465 -2.71 -29.26 5.81
C PRO B 465 -3.04 -27.80 5.48
N LEU B 466 -4.29 -27.51 5.05
CA LEU B 466 -4.71 -26.15 4.70
C LEU B 466 -4.83 -25.25 5.92
N LEU B 467 -5.45 -25.74 7.02
CA LEU B 467 -5.61 -24.97 8.26
C LEU B 467 -4.25 -24.70 8.89
N ARG B 468 -3.29 -25.62 8.69
CA ARG B 468 -1.92 -25.50 9.21
C ARG B 468 -1.15 -24.42 8.44
N GLU B 469 -1.24 -24.43 7.11
CA GLU B 469 -0.56 -23.46 6.24
C GLU B 469 -1.16 -22.07 6.39
N TYR B 470 -2.40 -21.98 6.89
CA TYR B 470 -3.12 -20.74 7.10
C TYR B 470 -2.46 -19.88 8.19
N SER B 471 -2.32 -20.42 9.44
CA SER B 471 -1.71 -19.75 10.61
C SER B 471 -0.26 -19.30 10.34
N LYS B 472 0.41 -20.00 9.41
CA LYS B 472 1.78 -19.73 8.96
C LYS B 472 1.85 -18.37 8.27
N ALA B 473 0.73 -17.90 7.69
CA ALA B 473 0.68 -16.63 6.99
C ALA B 473 -0.47 -15.73 7.48
N VAL B 474 -1.07 -16.01 8.67
CA VAL B 474 -2.20 -15.22 9.15
C VAL B 474 -2.01 -14.73 10.61
N ASN B 475 -1.80 -15.66 11.57
CA ASN B 475 -1.68 -15.35 13.00
C ASN B 475 -0.58 -14.31 13.30
N LEU C 15 4.14 -9.39 17.29
CA LEU C 15 4.70 -10.73 17.32
C LEU C 15 3.64 -11.76 16.91
N GLU C 16 3.02 -12.45 17.92
CA GLU C 16 2.01 -13.51 17.82
C GLU C 16 2.52 -14.59 16.89
N GLY C 17 2.28 -14.38 15.59
CA GLY C 17 2.67 -15.26 14.50
C GLY C 17 4.17 -15.51 14.43
N ARG C 18 4.98 -14.52 14.86
CA ARG C 18 6.45 -14.62 14.90
C ARG C 18 6.89 -15.79 15.78
N ALA C 19 6.20 -15.97 16.92
CA ALA C 19 6.41 -17.08 17.85
C ALA C 19 5.74 -18.34 17.30
N ASN C 20 4.54 -18.20 16.73
CA ASN C 20 3.73 -19.28 16.17
C ASN C 20 4.37 -19.96 14.94
N ILE C 21 4.99 -19.19 14.01
CA ILE C 21 5.62 -19.76 12.80
C ILE C 21 6.87 -20.52 13.21
N PHE C 22 7.61 -19.98 14.18
CA PHE C 22 8.81 -20.58 14.74
C PHE C 22 8.44 -21.83 15.52
N ARG C 23 7.20 -21.87 16.04
CA ARG C 23 6.63 -22.97 16.80
C ARG C 23 6.42 -24.19 15.90
N ILE C 24 6.08 -23.97 14.62
CA ILE C 24 5.78 -25.05 13.67
C ILE C 24 7.07 -25.72 13.18
N HIS C 25 7.99 -24.94 12.57
CA HIS C 25 9.26 -25.40 11.99
C HIS C 25 10.10 -26.22 12.96
N SER C 26 9.98 -25.93 14.28
CA SER C 26 10.72 -26.59 15.37
C SER C 26 10.38 -28.08 15.48
N LYS C 27 9.14 -28.48 15.15
CA LYS C 27 8.68 -29.87 15.20
C LYS C 27 9.33 -30.72 14.10
N SER C 28 9.56 -30.11 12.92
CA SER C 28 10.22 -30.73 11.76
C SER C 28 11.71 -30.90 12.03
N MET C 29 12.27 -29.93 12.77
CA MET C 29 13.66 -29.83 13.18
C MET C 29 14.01 -30.80 14.33
N SER C 30 15.28 -30.79 14.76
CA SER C 30 15.79 -31.59 15.86
C SER C 30 16.40 -30.66 16.91
N VAL C 31 15.56 -29.79 17.48
CA VAL C 31 15.98 -28.82 18.48
C VAL C 31 15.92 -29.44 19.87
N GLU C 32 16.82 -28.99 20.76
CA GLU C 32 16.89 -29.40 22.17
C GLU C 32 15.65 -28.84 22.91
N ARG C 33 15.15 -29.61 23.90
CA ARG C 33 14.00 -29.25 24.73
C ARG C 33 14.29 -27.93 25.48
N GLY C 34 13.60 -26.88 25.07
CA GLY C 34 13.76 -25.53 25.62
C GLY C 34 14.29 -24.58 24.59
N ILE C 35 13.60 -24.50 23.45
CA ILE C 35 13.92 -23.63 22.31
C ILE C 35 13.74 -22.15 22.70
N ARG C 36 12.86 -21.85 23.71
CA ARG C 36 12.51 -20.50 24.16
C ARG C 36 12.06 -19.64 22.97
N TRP C 37 11.40 -20.27 21.98
CA TRP C 37 10.93 -19.69 20.71
C TRP C 37 10.54 -18.20 20.83
N GLU C 38 9.80 -17.82 21.89
CA GLU C 38 9.33 -16.45 22.17
C GLU C 38 10.49 -15.44 22.21
N LEU C 39 11.64 -15.82 22.80
CA LEU C 39 12.82 -14.97 22.93
C LEU C 39 13.53 -14.76 21.59
N ILE C 40 13.75 -15.84 20.82
CA ILE C 40 14.42 -15.75 19.51
C ILE C 40 13.54 -14.93 18.57
N SER C 41 12.22 -15.14 18.62
CA SER C 41 11.27 -14.37 17.81
C SER C 41 11.11 -12.94 18.37
N ARG C 42 11.47 -12.72 19.65
CA ARG C 42 11.45 -11.40 20.29
C ARG C 42 12.59 -10.55 19.73
N LEU C 43 13.67 -11.24 19.29
CA LEU C 43 14.88 -10.66 18.69
C LEU C 43 14.63 -10.25 17.25
N CYS C 44 14.13 -11.19 16.42
CA CYS C 44 13.80 -10.98 15.00
C CYS C 44 12.58 -10.05 14.91
N PRO C 45 12.77 -8.78 14.47
CA PRO C 45 11.63 -7.86 14.43
C PRO C 45 10.84 -8.02 13.13
N ASN C 46 10.75 -6.95 12.33
CA ASN C 46 10.04 -6.94 11.06
C ASN C 46 10.83 -7.77 10.06
N SER C 47 10.29 -8.96 9.77
CA SER C 47 10.87 -9.96 8.88
C SER C 47 9.75 -10.75 8.17
N THR C 48 10.09 -11.84 7.46
CA THR C 48 9.10 -12.66 6.78
C THR C 48 9.17 -14.10 7.31
N GLY C 49 8.13 -14.87 7.00
CA GLY C 49 8.02 -16.28 7.40
C GLY C 49 9.19 -17.10 6.91
N ALA C 50 9.64 -16.80 5.68
CA ALA C 50 10.78 -17.43 5.01
C ALA C 50 12.09 -17.04 5.69
N GLU C 51 12.14 -15.85 6.34
CA GLU C 51 13.33 -15.39 7.03
C GLU C 51 13.62 -16.26 8.24
N LEU C 52 12.59 -16.59 9.06
CA LEU C 52 12.77 -17.47 10.23
C LEU C 52 12.92 -18.93 9.78
N ARG C 53 12.34 -19.27 8.60
CA ARG C 53 12.45 -20.58 7.96
C ARG C 53 13.91 -20.83 7.60
N SER C 54 14.59 -19.75 7.16
CA SER C 54 16.01 -19.74 6.84
C SER C 54 16.82 -19.83 8.13
N VAL C 55 16.42 -19.08 9.19
CA VAL C 55 17.07 -19.08 10.50
C VAL C 55 17.14 -20.52 11.01
N CYS C 56 15.99 -21.22 11.00
CA CYS C 56 15.87 -22.62 11.42
C CYS C 56 16.86 -23.54 10.69
N THR C 57 16.95 -23.41 9.34
CA THR C 57 17.82 -24.23 8.52
C THR C 57 19.31 -23.86 8.73
N GLU C 58 19.64 -22.54 8.75
CA GLU C 58 21.01 -22.07 8.97
C GLU C 58 21.48 -22.36 10.41
N ALA C 59 20.53 -22.57 11.33
CA ALA C 59 20.84 -22.97 12.71
C ALA C 59 21.16 -24.47 12.70
N GLY C 60 20.38 -25.23 11.92
CA GLY C 60 20.57 -26.67 11.72
C GLY C 60 21.92 -26.94 11.10
N MET C 61 22.33 -26.04 10.19
CA MET C 61 23.63 -26.06 9.54
C MET C 61 24.71 -25.79 10.59
N PHE C 62 24.58 -24.65 11.30
CA PHE C 62 25.51 -24.20 12.35
C PHE C 62 25.66 -25.28 13.44
N ALA C 63 24.61 -26.12 13.63
CA ALA C 63 24.61 -27.22 14.58
C ALA C 63 25.46 -28.38 14.05
N ILE C 64 25.29 -28.76 12.77
CA ILE C 64 26.07 -29.84 12.17
C ILE C 64 27.48 -29.32 11.77
N ARG C 65 27.68 -27.97 11.81
CA ARG C 65 28.99 -27.33 11.59
C ARG C 65 29.88 -27.65 12.78
N ALA C 66 29.27 -27.67 13.98
CA ALA C 66 29.89 -27.99 15.27
C ALA C 66 29.79 -29.51 15.57
N ARG C 67 29.62 -30.34 14.50
CA ARG C 67 29.54 -31.82 14.48
C ARG C 67 28.36 -32.40 15.31
N ARG C 68 27.52 -31.52 15.92
CA ARG C 68 26.38 -31.90 16.73
C ARG C 68 25.30 -32.59 15.90
N LYS C 69 24.57 -33.51 16.54
CA LYS C 69 23.52 -34.34 15.95
C LYS C 69 22.15 -33.66 16.07
N VAL C 70 22.02 -32.73 17.03
CA VAL C 70 20.78 -32.00 17.30
C VAL C 70 21.06 -30.52 17.55
N ALA C 71 20.07 -29.68 17.23
CA ALA C 71 20.12 -28.23 17.40
C ALA C 71 19.93 -27.82 18.85
N THR C 72 20.55 -26.68 19.23
CA THR C 72 20.48 -26.08 20.57
C THR C 72 19.88 -24.69 20.46
N GLU C 73 19.56 -24.06 21.61
CA GLU C 73 19.03 -22.70 21.66
C GLU C 73 20.07 -21.71 21.16
N LYS C 74 21.36 -22.00 21.44
CA LYS C 74 22.53 -21.21 21.05
C LYS C 74 22.69 -21.09 19.54
N ASP C 75 22.42 -22.21 18.82
CA ASP C 75 22.53 -22.33 17.36
C ASP C 75 21.71 -21.29 16.60
N PHE C 76 20.50 -21.01 17.09
CA PHE C 76 19.56 -20.07 16.51
C PHE C 76 20.07 -18.64 16.60
N LEU C 77 20.77 -18.30 17.69
CA LEU C 77 21.29 -16.95 17.92
C LEU C 77 22.24 -16.53 16.80
N LYS C 78 23.16 -17.44 16.37
CA LYS C 78 24.09 -17.16 15.26
C LYS C 78 23.33 -17.05 13.96
N ALA C 79 22.35 -17.95 13.77
CA ALA C 79 21.48 -17.96 12.59
C ALA C 79 20.71 -16.63 12.48
N VAL C 80 20.24 -16.08 13.62
CA VAL C 80 19.54 -14.80 13.69
C VAL C 80 20.54 -13.69 13.29
N ASP C 81 21.79 -13.80 13.75
CA ASP C 81 22.85 -12.84 13.45
C ASP C 81 23.29 -12.90 11.98
N LYS C 82 23.39 -14.11 11.40
CA LYS C 82 23.81 -14.27 10.00
C LYS C 82 22.69 -14.05 8.98
N VAL C 83 21.42 -14.28 9.36
CA VAL C 83 20.32 -14.16 8.39
C VAL C 83 19.63 -12.78 8.50
N ILE C 84 18.73 -12.56 9.48
CA ILE C 84 17.96 -11.33 9.59
C ILE C 84 18.83 -10.11 9.98
N SER C 85 19.95 -10.34 10.67
CA SER C 85 20.87 -9.29 11.08
C SER C 85 22.05 -9.16 10.10
N GLY C 86 22.24 -10.18 9.27
CA GLY C 86 23.32 -10.22 8.28
C GLY C 86 23.14 -9.31 7.08
N TYR C 87 24.23 -9.18 6.30
CA TYR C 87 24.33 -8.38 5.07
C TYR C 87 24.22 -9.29 3.81
N LYS C 88 24.25 -8.67 2.61
CA LYS C 88 24.16 -9.35 1.32
C LYS C 88 25.46 -10.11 1.02
N PRO D 13 -6.56 6.79 -3.27
CA PRO D 13 -7.03 8.17 -3.43
C PRO D 13 -6.23 8.94 -4.49
N ASP D 14 -6.94 9.56 -5.48
CA ASP D 14 -6.43 10.34 -6.64
C ASP D 14 -7.58 10.97 -7.48
N LEU D 15 -7.54 12.31 -7.77
CA LEU D 15 -8.57 13.00 -8.60
C LEU D 15 -7.96 14.23 -9.33
N GLU D 16 -7.75 15.36 -8.63
CA GLU D 16 -7.07 16.55 -9.20
C GLU D 16 -5.62 16.14 -9.40
N GLY D 17 -5.16 15.29 -8.47
CA GLY D 17 -3.83 14.69 -8.41
C GLY D 17 -3.49 13.87 -9.64
N ARG D 18 -4.53 13.37 -10.36
CA ARG D 18 -4.34 12.64 -11.62
C ARG D 18 -3.72 13.59 -12.64
N ALA D 19 -4.14 14.88 -12.60
CA ALA D 19 -3.59 15.91 -13.47
C ALA D 19 -2.19 16.29 -13.01
N ASN D 20 -2.00 16.43 -11.67
CA ASN D 20 -0.74 16.80 -11.02
C ASN D 20 0.37 15.75 -11.20
N ILE D 21 0.07 14.43 -11.09
CA ILE D 21 1.08 13.37 -11.23
C ILE D 21 1.53 13.30 -12.69
N PHE D 22 0.58 13.47 -13.61
CA PHE D 22 0.80 13.47 -15.05
C PHE D 22 1.60 14.73 -15.43
N ARG D 23 1.46 15.79 -14.61
CA ARG D 23 2.15 17.08 -14.77
C ARG D 23 3.65 16.92 -14.51
N ILE D 24 4.03 16.03 -13.58
CA ILE D 24 5.44 15.83 -13.20
C ILE D 24 6.18 15.00 -14.25
N HIS D 25 5.71 13.78 -14.55
CA HIS D 25 6.32 12.83 -15.49
C HIS D 25 6.59 13.43 -16.87
N SER D 26 5.75 14.40 -17.28
CA SER D 26 5.82 15.09 -18.58
C SER D 26 7.13 15.89 -18.76
N LYS D 27 7.69 16.42 -17.65
CA LYS D 27 8.93 17.19 -17.66
C LYS D 27 10.15 16.30 -17.96
N SER D 28 10.12 15.05 -17.44
CA SER D 28 11.15 14.04 -17.64
C SER D 28 11.11 13.51 -19.08
N MET D 29 9.88 13.46 -19.62
CA MET D 29 9.54 13.00 -20.98
C MET D 29 9.88 14.05 -22.05
N SER D 30 9.60 13.72 -23.32
CA SER D 30 9.81 14.59 -24.48
C SER D 30 8.49 14.76 -25.21
N VAL D 31 7.50 15.33 -24.51
CA VAL D 31 6.16 15.54 -25.05
C VAL D 31 6.11 16.88 -25.79
N GLU D 32 5.26 16.96 -26.83
CA GLU D 32 5.01 18.16 -27.61
C GLU D 32 4.24 19.18 -26.73
N ARG D 33 4.53 20.49 -26.92
CA ARG D 33 3.89 21.59 -26.20
C ARG D 33 2.38 21.57 -26.45
N GLY D 34 1.63 21.23 -25.40
CA GLY D 34 0.18 21.11 -25.45
C GLY D 34 -0.27 19.69 -25.20
N ILE D 35 0.21 19.13 -24.08
CA ILE D 35 -0.09 17.77 -23.62
C ILE D 35 -1.58 17.64 -23.23
N ARG D 36 -2.24 18.78 -22.85
CA ARG D 36 -3.64 18.84 -22.39
C ARG D 36 -3.86 17.85 -21.24
N TRP D 37 -2.82 17.63 -20.41
CA TRP D 37 -2.76 16.69 -19.29
C TRP D 37 -4.12 16.47 -18.60
N GLU D 38 -4.89 17.55 -18.35
CA GLU D 38 -6.22 17.52 -17.71
C GLU D 38 -7.19 16.58 -18.45
N LEU D 39 -7.17 16.57 -19.79
CA LEU D 39 -8.05 15.76 -20.63
C LEU D 39 -7.69 14.28 -20.57
N ILE D 40 -6.39 13.93 -20.71
CA ILE D 40 -5.92 12.55 -20.67
C ILE D 40 -6.20 11.98 -19.26
N SER D 41 -5.98 12.79 -18.22
CA SER D 41 -6.25 12.37 -16.85
C SER D 41 -7.77 12.38 -16.57
N ARG D 42 -8.56 13.12 -17.39
CA ARG D 42 -10.02 13.16 -17.31
C ARG D 42 -10.58 11.82 -17.81
N LEU D 43 -9.84 11.17 -18.73
CA LEU D 43 -10.15 9.88 -19.33
C LEU D 43 -9.88 8.74 -18.37
N CYS D 44 -8.64 8.68 -17.81
CA CYS D 44 -8.18 7.67 -16.85
C CYS D 44 -8.92 7.88 -15.53
N PRO D 45 -9.86 6.97 -15.17
CA PRO D 45 -10.61 7.18 -13.94
C PRO D 45 -9.85 6.62 -12.74
N ASN D 46 -10.46 5.66 -12.02
CA ASN D 46 -9.88 5.02 -10.86
C ASN D 46 -8.72 4.14 -11.30
N SER D 47 -7.51 4.64 -11.02
CA SER D 47 -6.23 4.02 -11.36
C SER D 47 -5.17 4.34 -10.29
N THR D 48 -3.89 4.02 -10.55
CA THR D 48 -2.82 4.33 -9.61
C THR D 48 -1.77 5.22 -10.28
N GLY D 49 -0.89 5.80 -9.46
CA GLY D 49 0.19 6.66 -9.91
C GLY D 49 1.11 5.97 -10.91
N ALA D 50 1.37 4.68 -10.65
CA ALA D 50 2.18 3.80 -11.50
C ALA D 50 1.48 3.50 -12.82
N GLU D 51 0.13 3.54 -12.84
CA GLU D 51 -0.65 3.29 -14.05
C GLU D 51 -0.41 4.41 -15.07
N LEU D 52 -0.45 5.71 -14.64
CA LEU D 52 -0.19 6.82 -15.56
C LEU D 52 1.31 6.92 -15.85
N ARG D 53 2.16 6.43 -14.93
CA ARG D 53 3.61 6.36 -15.08
C ARG D 53 3.95 5.42 -16.24
N SER D 54 3.23 4.29 -16.32
CA SER D 54 3.41 3.33 -17.41
C SER D 54 2.66 3.80 -18.67
N VAL D 55 1.83 4.86 -18.55
CA VAL D 55 1.15 5.47 -19.70
C VAL D 55 2.21 6.29 -20.45
N CYS D 56 2.90 7.20 -19.72
CA CYS D 56 3.96 8.07 -20.26
C CYS D 56 5.03 7.25 -20.98
N THR D 57 5.53 6.18 -20.34
CA THR D 57 6.57 5.29 -20.90
C THR D 57 6.07 4.58 -22.16
N GLU D 58 4.77 4.18 -22.19
CA GLU D 58 4.19 3.51 -23.34
C GLU D 58 3.72 4.51 -24.40
N ALA D 59 3.75 5.81 -24.07
CA ALA D 59 3.41 6.87 -25.03
C ALA D 59 4.65 7.19 -25.86
N GLY D 60 5.80 7.28 -25.19
CA GLY D 60 7.10 7.53 -25.82
C GLY D 60 7.54 6.35 -26.66
N MET D 61 7.20 5.13 -26.20
CA MET D 61 7.46 3.86 -26.88
C MET D 61 6.61 3.83 -28.15
N PHE D 62 5.32 4.20 -28.04
CA PHE D 62 4.38 4.29 -29.16
C PHE D 62 4.82 5.43 -30.09
N ALA D 63 5.54 6.44 -29.54
CA ALA D 63 6.09 7.54 -30.31
C ALA D 63 7.30 7.07 -31.12
N ILE D 64 8.24 6.29 -30.52
CA ILE D 64 9.41 5.79 -31.25
C ILE D 64 9.01 4.58 -32.13
N ARG D 65 7.79 4.03 -31.92
CA ARG D 65 7.20 2.95 -32.73
C ARG D 65 6.86 3.53 -34.10
N ALA D 66 6.39 4.80 -34.10
CA ALA D 66 6.04 5.59 -35.28
C ALA D 66 7.25 6.44 -35.77
N ARG D 67 8.48 5.98 -35.42
CA ARG D 67 9.80 6.53 -35.79
C ARG D 67 10.05 7.99 -35.29
N ARG D 68 9.06 8.58 -34.58
CA ARG D 68 9.12 9.95 -34.06
C ARG D 68 10.16 10.08 -32.94
N LYS D 69 10.76 11.27 -32.83
CA LYS D 69 11.81 11.59 -31.86
C LYS D 69 11.21 12.14 -30.56
N VAL D 70 9.97 12.65 -30.62
CA VAL D 70 9.27 13.25 -29.49
C VAL D 70 7.81 12.80 -29.44
N ALA D 71 7.25 12.76 -28.23
CA ALA D 71 5.88 12.35 -27.95
C ALA D 71 4.89 13.45 -28.32
N THR D 72 3.67 13.04 -28.71
CA THR D 72 2.55 13.90 -29.08
C THR D 72 1.37 13.63 -28.15
N GLU D 73 0.32 14.47 -28.22
CA GLU D 73 -0.90 14.30 -27.42
C GLU D 73 -1.62 13.01 -27.82
N LYS D 74 -1.53 12.65 -29.12
CA LYS D 74 -2.14 11.46 -29.73
C LYS D 74 -1.56 10.15 -29.17
N ASP D 75 -0.23 10.10 -28.96
CA ASP D 75 0.47 8.92 -28.45
C ASP D 75 -0.10 8.43 -27.11
N PHE D 76 -0.40 9.37 -26.18
CA PHE D 76 -0.96 9.09 -24.87
C PHE D 76 -2.30 8.38 -24.93
N LEU D 77 -3.12 8.72 -25.93
CA LEU D 77 -4.44 8.13 -26.11
C LEU D 77 -4.35 6.61 -26.28
N LYS D 78 -3.39 6.11 -27.10
CA LYS D 78 -3.18 4.67 -27.29
C LYS D 78 -2.65 4.06 -26.01
N ALA D 79 -1.73 4.76 -25.34
CA ALA D 79 -1.15 4.34 -24.07
C ALA D 79 -2.25 4.18 -23.01
N VAL D 80 -3.23 5.11 -22.99
CA VAL D 80 -4.37 5.07 -22.08
C VAL D 80 -5.23 3.84 -22.41
N ASP D 81 -5.39 3.55 -23.73
CA ASP D 81 -6.15 2.40 -24.20
C ASP D 81 -5.45 1.07 -23.90
N LYS D 82 -4.11 0.99 -24.04
CA LYS D 82 -3.34 -0.24 -23.79
C LYS D 82 -3.11 -0.47 -22.27
N VAL D 83 -3.33 0.57 -21.43
CA VAL D 83 -3.20 0.48 -19.97
C VAL D 83 -4.56 0.11 -19.36
N ILE D 84 -5.64 0.84 -19.69
CA ILE D 84 -6.96 0.55 -19.13
C ILE D 84 -7.70 -0.37 -20.11
N SER D 85 -7.54 -1.69 -19.85
CA SER D 85 -8.13 -2.81 -20.60
C SER D 85 -8.22 -4.12 -19.75
N GLY D 86 -7.15 -4.60 -19.08
CA GLY D 86 -5.80 -4.06 -18.97
C GLY D 86 -4.73 -5.11 -18.82
#